data_2V1O
#
_entry.id   2V1O
#
_cell.length_a   55.741
_cell.length_b   125.531
_cell.length_c   81.780
_cell.angle_alpha   90.00
_cell.angle_beta   95.39
_cell.angle_gamma   90.00
#
_symmetry.space_group_name_H-M   'P 1 21 1'
#
loop_
_entity.id
_entity.type
_entity.pdbx_description
1 polymer 'CYTOSOLIC ACYL COENZYME A THIOESTER HYDROLASE'
2 non-polymer 'COENZYME A'
3 water water
#
_entity_poly.entity_id   1
_entity_poly.type   'polypeptide(L)'
_entity_poly.pdbx_seq_one_letter_code
;GAMRIMRPDDANVAGNVHGGTILKMIEEAGAIISTRHCNSQNGERCVAALARVERTDFLSPMCIGEVAHVSAEITYTSKH
SVEVQVHVMSENILTGTKKLTNKATLWYVPLSLKNVDKVLEVPPIVYLRQEQEEEGRKRYEAQKLERMETK
;
_entity_poly.pdbx_strand_id   A,B,C,D,E,F
#
# COMPACT_ATOMS: atom_id res chain seq x y z
N GLY A 1 -13.07 -13.70 -13.29
CA GLY A 1 -11.92 -14.03 -12.39
C GLY A 1 -11.14 -12.82 -11.92
N ALA A 2 -9.91 -13.05 -11.50
CA ALA A 2 -9.01 -11.96 -11.09
C ALA A 2 -7.63 -12.20 -11.69
N MET A 3 -6.99 -11.13 -12.15
CA MET A 3 -5.60 -11.22 -12.58
C MET A 3 -4.86 -9.95 -12.22
N ARG A 4 -3.58 -10.11 -11.88
CA ARG A 4 -2.75 -9.00 -11.44
C ARG A 4 -1.32 -9.37 -11.72
N ILE A 5 -0.56 -8.39 -12.22
CA ILE A 5 0.87 -8.56 -12.46
C ILE A 5 1.60 -8.51 -11.12
N MET A 6 2.60 -9.38 -10.97
CA MET A 6 3.37 -9.46 -9.74
C MET A 6 4.40 -8.33 -9.71
N ARG A 7 4.45 -7.64 -8.57
CA ARG A 7 5.27 -6.44 -8.37
C ARG A 7 6.43 -6.74 -7.42
N PRO A 8 7.49 -5.90 -7.40
CA PRO A 8 8.62 -6.14 -6.49
C PRO A 8 8.24 -6.40 -5.02
N ASP A 9 7.25 -5.67 -4.51
CA ASP A 9 6.84 -5.86 -3.11
C ASP A 9 6.12 -7.19 -2.85
N ASP A 10 5.74 -7.89 -3.91
CA ASP A 10 5.12 -9.21 -3.84
C ASP A 10 6.14 -10.32 -3.74
N ALA A 11 7.43 -9.98 -3.88
CA ALA A 11 8.48 -10.98 -4.03
C ALA A 11 9.64 -10.82 -3.06
N ASN A 12 10.32 -11.94 -2.81
CA ASN A 12 11.54 -11.95 -1.99
C ASN A 12 12.75 -11.36 -2.70
N VAL A 13 13.92 -11.45 -2.08
CA VAL A 13 15.15 -10.88 -2.64
C VAL A 13 15.64 -11.58 -3.91
N ALA A 14 15.11 -12.77 -4.17
CA ALA A 14 15.45 -13.53 -5.37
C ALA A 14 14.51 -13.27 -6.56
N GLY A 15 13.44 -12.49 -6.33
CA GLY A 15 12.46 -12.17 -7.37
C GLY A 15 11.27 -13.11 -7.45
N ASN A 16 11.19 -14.05 -6.50
CA ASN A 16 10.10 -15.01 -6.44
C ASN A 16 9.02 -14.57 -5.46
N VAL A 17 7.77 -14.72 -5.90
CA VAL A 17 6.61 -14.22 -5.16
C VAL A 17 6.45 -14.96 -3.84
N HIS A 18 6.15 -14.22 -2.76
CA HIS A 18 5.86 -14.81 -1.44
C HIS A 18 4.57 -15.60 -1.45
N GLY A 19 4.58 -16.75 -0.78
CA GLY A 19 3.36 -17.51 -0.53
C GLY A 19 2.22 -16.64 0.00
N GLY A 20 2.54 -15.73 0.93
CA GLY A 20 1.56 -14.87 1.58
C GLY A 20 0.79 -14.00 0.59
N THR A 21 1.48 -13.53 -0.46
CA THR A 21 0.88 -12.71 -1.52
C THR A 21 -0.24 -13.47 -2.23
N ILE A 22 0.06 -14.71 -2.59
CA ILE A 22 -0.89 -15.58 -3.27
C ILE A 22 -2.04 -16.00 -2.34
N LEU A 23 -1.72 -16.30 -1.09
CA LEU A 23 -2.76 -16.63 -0.09
C LEU A 23 -3.77 -15.49 0.02
N LYS A 24 -3.26 -14.26 0.08
CA LYS A 24 -4.11 -13.09 0.11
C LYS A 24 -5.05 -13.02 -1.12
N MET A 25 -4.52 -13.25 -2.31
CA MET A 25 -5.32 -13.19 -3.54
C MET A 25 -6.37 -14.30 -3.57
N ILE A 26 -5.98 -15.48 -3.10
CA ILE A 26 -6.89 -16.62 -3.00
C ILE A 26 -8.10 -16.24 -2.15
N GLU A 27 -7.85 -15.64 -0.98
CA GLU A 27 -8.93 -15.32 -0.03
C GLU A 27 -9.83 -14.20 -0.57
N GLU A 28 -9.21 -13.25 -1.27
CA GLU A 28 -9.97 -12.16 -1.94
C GLU A 28 -11.01 -12.73 -2.92
N ALA A 29 -10.58 -13.71 -3.75
CA ALA A 29 -11.50 -14.39 -4.67
C ALA A 29 -12.59 -15.13 -3.91
N GLY A 30 -12.20 -15.86 -2.85
CA GLY A 30 -13.16 -16.56 -2.01
C GLY A 30 -14.18 -15.63 -1.37
N ALA A 31 -13.71 -14.48 -0.89
CA ALA A 31 -14.59 -13.56 -0.17
C ALA A 31 -15.66 -13.00 -1.10
N ILE A 32 -15.27 -12.65 -2.34
CA ILE A 32 -16.22 -12.08 -3.31
C ILE A 32 -17.30 -13.10 -3.68
N ILE A 33 -16.87 -14.31 -4.04
CA ILE A 33 -17.81 -15.30 -4.57
C ILE A 33 -18.81 -15.76 -3.50
N SER A 34 -18.31 -15.89 -2.26
CA SER A 34 -19.14 -16.37 -1.17
C SER A 34 -20.13 -15.30 -0.70
N THR A 35 -19.67 -14.06 -0.55
CA THR A 35 -20.55 -12.94 -0.17
C THR A 35 -21.67 -12.75 -1.20
N ARG A 36 -21.32 -12.72 -2.49
CA ARG A 36 -22.33 -12.59 -3.54
C ARG A 36 -23.37 -13.69 -3.42
N HIS A 37 -22.90 -14.93 -3.29
CA HIS A 37 -23.82 -16.04 -3.17
C HIS A 37 -24.73 -15.96 -1.94
N CYS A 38 -24.16 -15.57 -0.80
CA CYS A 38 -24.93 -15.54 0.45
C CYS A 38 -26.00 -14.43 0.49
N ASN A 39 -25.87 -13.47 -0.42
CA ASN A 39 -26.89 -12.42 -0.62
C ASN A 39 -27.77 -12.61 -1.86
N SER A 40 -27.59 -13.73 -2.55
CA SER A 40 -28.19 -13.95 -3.88
C SER A 40 -29.71 -14.17 -3.86
N GLN A 41 -30.26 -14.42 -2.67
CA GLN A 41 -31.71 -14.58 -2.57
C GLN A 41 -32.33 -13.46 -1.75
N ASN A 42 -31.56 -12.40 -1.56
CA ASN A 42 -31.96 -11.21 -0.81
C ASN A 42 -32.45 -11.53 0.60
N GLY A 43 -31.73 -12.41 1.28
CA GLY A 43 -31.94 -12.63 2.71
C GLY A 43 -31.33 -11.49 3.49
N GLU A 44 -31.22 -11.65 4.81
CA GLU A 44 -30.57 -10.66 5.65
C GLU A 44 -29.18 -10.34 5.08
N ARG A 45 -28.88 -9.04 4.92
CA ARG A 45 -27.61 -8.60 4.35
C ARG A 45 -26.46 -9.11 5.20
N CYS A 46 -25.46 -9.66 4.52
CA CYS A 46 -24.37 -10.33 5.21
C CYS A 46 -23.05 -10.21 4.45
N VAL A 47 -21.98 -10.55 5.16
CA VAL A 47 -20.67 -10.70 4.53
C VAL A 47 -20.10 -12.05 4.94
N ALA A 48 -19.52 -12.75 3.96
CA ALA A 48 -18.94 -14.05 4.23
C ALA A 48 -17.60 -13.89 4.94
N ALA A 49 -17.42 -14.61 6.06
CA ALA A 49 -16.16 -14.63 6.81
C ALA A 49 -15.40 -15.94 6.58
N LEU A 50 -14.08 -15.87 6.40
CA LEU A 50 -13.27 -17.08 6.23
C LEU A 50 -13.24 -17.91 7.52
N ALA A 51 -13.76 -19.12 7.43
CA ALA A 51 -13.73 -20.04 8.57
C ALA A 51 -12.57 -21.04 8.53
N ARG A 52 -12.19 -21.48 7.33
CA ARG A 52 -11.23 -22.56 7.20
C ARG A 52 -10.50 -22.52 5.86
N VAL A 53 -9.21 -22.82 5.92
CA VAL A 53 -8.41 -23.09 4.72
C VAL A 53 -7.98 -24.54 4.78
N GLU A 54 -8.32 -25.31 3.74
CA GLU A 54 -7.88 -26.69 3.65
C GLU A 54 -6.38 -26.73 3.33
N ARG A 55 -5.74 -27.87 3.58
CA ARG A 55 -4.34 -28.07 3.22
C ARG A 55 -4.13 -27.72 1.75
N THR A 56 -3.06 -26.98 1.47
CA THR A 56 -2.75 -26.56 0.10
C THR A 56 -1.24 -26.55 -0.18
N ASP A 57 -0.87 -27.03 -1.36
CA ASP A 57 0.53 -27.14 -1.78
C ASP A 57 0.88 -26.12 -2.85
N PHE A 58 2.05 -25.49 -2.70
CA PHE A 58 2.55 -24.59 -3.72
C PHE A 58 3.52 -25.33 -4.63
N LEU A 59 3.08 -25.50 -5.87
CA LEU A 59 3.69 -26.40 -6.84
C LEU A 59 4.85 -25.82 -7.67
N SER A 60 4.78 -24.52 -7.95
CA SER A 60 5.79 -23.86 -8.75
C SER A 60 5.88 -22.38 -8.36
N PRO A 61 7.10 -21.81 -8.47
CA PRO A 61 7.28 -20.40 -8.11
C PRO A 61 6.62 -19.47 -9.13
N MET A 62 6.40 -18.24 -8.69
CA MET A 62 5.96 -17.18 -9.58
C MET A 62 6.99 -16.07 -9.44
N CYS A 63 7.15 -15.28 -10.50
CA CYS A 63 8.18 -14.26 -10.53
C CYS A 63 7.58 -12.88 -10.71
N ILE A 64 8.33 -11.86 -10.29
CA ILE A 64 8.00 -10.48 -10.59
C ILE A 64 7.76 -10.37 -12.10
N GLY A 65 6.65 -9.73 -12.46
CA GLY A 65 6.35 -9.46 -13.85
C GLY A 65 5.44 -10.49 -14.50
N GLU A 66 5.29 -11.64 -13.83
CA GLU A 66 4.30 -12.63 -14.28
C GLU A 66 2.92 -12.24 -13.79
N VAL A 67 1.89 -12.73 -14.48
CA VAL A 67 0.51 -12.40 -14.15
C VAL A 67 -0.10 -13.56 -13.39
N ALA A 68 -0.57 -13.27 -12.18
CA ALA A 68 -1.32 -14.22 -11.37
C ALA A 68 -2.78 -14.22 -11.81
N HIS A 69 -3.28 -15.37 -12.22
CA HIS A 69 -4.69 -15.55 -12.59
C HIS A 69 -5.36 -16.31 -11.46
N VAL A 70 -6.40 -15.74 -10.86
CA VAL A 70 -7.12 -16.39 -9.75
C VAL A 70 -8.59 -16.60 -10.11
N SER A 71 -9.03 -17.84 -10.00
CA SER A 71 -10.40 -18.20 -10.35
C SER A 71 -11.03 -19.04 -9.25
N ALA A 72 -12.30 -18.77 -8.97
CA ALA A 72 -13.00 -19.39 -7.86
C ALA A 72 -14.32 -20.01 -8.30
N GLU A 73 -14.73 -21.05 -7.59
CA GLU A 73 -15.99 -21.72 -7.86
C GLU A 73 -16.57 -22.21 -6.54
N ILE A 74 -17.86 -21.97 -6.32
CA ILE A 74 -18.55 -22.54 -5.16
C ILE A 74 -18.89 -23.99 -5.52
N THR A 75 -18.37 -24.91 -4.72
CA THR A 75 -18.47 -26.34 -5.02
C THR A 75 -19.43 -27.06 -4.08
N TYR A 76 -19.74 -26.43 -2.95
CA TYR A 76 -20.72 -26.98 -2.01
C TYR A 76 -21.31 -25.91 -1.11
N THR A 77 -22.56 -26.11 -0.69
CA THR A 77 -23.13 -25.32 0.39
C THR A 77 -23.81 -26.24 1.41
N SER A 78 -23.56 -25.97 2.69
CA SER A 78 -24.27 -26.61 3.79
C SER A 78 -25.33 -25.63 4.28
N LYS A 79 -25.95 -25.91 5.43
CA LYS A 79 -26.99 -25.02 5.95
C LYS A 79 -26.47 -23.60 6.20
N HIS A 80 -25.26 -23.50 6.77
CA HIS A 80 -24.67 -22.22 7.17
C HIS A 80 -23.24 -21.99 6.68
N SER A 81 -22.81 -22.73 5.66
CA SER A 81 -21.44 -22.55 5.16
C SER A 81 -21.31 -22.79 3.65
N VAL A 82 -20.22 -22.26 3.09
CA VAL A 82 -19.94 -22.29 1.66
C VAL A 82 -18.53 -22.84 1.43
N GLU A 83 -18.42 -23.84 0.57
CA GLU A 83 -17.12 -24.35 0.17
C GLU A 83 -16.73 -23.73 -1.17
N VAL A 84 -15.52 -23.18 -1.23
CA VAL A 84 -15.02 -22.52 -2.45
C VAL A 84 -13.69 -23.15 -2.85
N GLN A 85 -13.59 -23.55 -4.12
CA GLN A 85 -12.35 -24.01 -4.68
C GLN A 85 -11.72 -22.89 -5.48
N VAL A 86 -10.44 -22.64 -5.24
CA VAL A 86 -9.72 -21.56 -5.91
C VAL A 86 -8.52 -22.10 -6.66
N HIS A 87 -8.36 -21.67 -7.91
CA HIS A 87 -7.20 -22.05 -8.73
C HIS A 87 -6.35 -20.83 -9.01
N VAL A 88 -5.05 -20.97 -8.81
CA VAL A 88 -4.09 -19.91 -9.13
C VAL A 88 -3.17 -20.40 -10.25
N MET A 89 -3.13 -19.62 -11.32
CA MET A 89 -2.28 -19.92 -12.47
C MET A 89 -1.36 -18.72 -12.73
N SER A 90 -0.08 -19.01 -12.99
CA SER A 90 0.86 -17.97 -13.37
C SER A 90 0.94 -17.92 -14.88
N GLU A 91 1.06 -16.71 -15.42
CA GLU A 91 1.24 -16.52 -16.84
C GLU A 91 2.40 -15.59 -17.06
N ASN A 92 3.39 -16.08 -17.78
CA ASN A 92 4.48 -15.25 -18.20
C ASN A 92 4.10 -14.67 -19.55
N ILE A 93 3.83 -13.36 -19.57
CA ILE A 93 3.34 -12.69 -20.79
C ILE A 93 4.44 -12.33 -21.81
N LEU A 94 5.69 -12.55 -21.43
CA LEU A 94 6.82 -12.44 -22.37
C LEU A 94 7.03 -13.74 -23.15
N THR A 95 6.93 -14.88 -22.47
CA THR A 95 7.16 -16.19 -23.08
C THR A 95 5.86 -16.90 -23.50
N GLY A 96 4.77 -16.54 -22.85
CA GLY A 96 3.49 -17.23 -23.05
C GLY A 96 3.26 -18.41 -22.11
N THR A 97 4.29 -18.81 -21.37
CA THR A 97 4.22 -19.98 -20.49
C THR A 97 3.20 -19.80 -19.35
N LYS A 98 2.31 -20.78 -19.20
CA LYS A 98 1.40 -20.83 -18.06
C LYS A 98 1.65 -22.06 -17.19
N LYS A 99 1.59 -21.87 -15.87
CA LYS A 99 1.84 -22.93 -14.89
C LYS A 99 0.75 -22.89 -13.82
N LEU A 100 0.34 -24.06 -13.33
CA LEU A 100 -0.53 -24.10 -12.15
C LEU A 100 0.31 -23.83 -10.91
N THR A 101 -0.02 -22.75 -10.22
CA THR A 101 0.68 -22.35 -9.00
C THR A 101 0.13 -23.11 -7.80
N ASN A 102 -1.20 -23.16 -7.71
CA ASN A 102 -1.84 -23.63 -6.50
C ASN A 102 -3.33 -23.92 -6.72
N LYS A 103 -3.84 -24.94 -6.01
CA LYS A 103 -5.27 -25.15 -5.85
C LYS A 103 -5.56 -25.12 -4.34
N ALA A 104 -6.58 -24.37 -3.95
CA ALA A 104 -6.94 -24.25 -2.54
C ALA A 104 -8.44 -24.40 -2.37
N THR A 105 -8.85 -24.90 -1.21
CA THR A 105 -10.27 -24.97 -0.87
C THR A 105 -10.49 -24.19 0.43
N LEU A 106 -11.54 -23.38 0.44
CA LEU A 106 -11.85 -22.51 1.56
C LEU A 106 -13.29 -22.71 1.99
N TRP A 107 -13.54 -22.50 3.29
CA TRP A 107 -14.89 -22.49 3.82
C TRP A 107 -15.20 -21.12 4.40
N TYR A 108 -16.37 -20.60 4.02
CA TYR A 108 -16.88 -19.32 4.50
C TYR A 108 -18.21 -19.52 5.22
N VAL A 109 -18.49 -18.62 6.15
CA VAL A 109 -19.74 -18.58 6.89
C VAL A 109 -20.31 -17.16 6.80
N PRO A 110 -21.57 -17.00 6.37
CA PRO A 110 -22.12 -15.65 6.29
C PRO A 110 -22.50 -15.09 7.66
N LEU A 111 -22.05 -13.87 7.92
CA LEU A 111 -22.38 -13.17 9.16
C LEU A 111 -23.17 -11.92 8.85
N SER A 112 -24.30 -11.74 9.55
CA SER A 112 -25.14 -10.57 9.41
C SER A 112 -24.37 -9.26 9.60
N LEU A 113 -24.66 -8.28 8.76
CA LEU A 113 -24.08 -6.95 8.93
C LEU A 113 -24.75 -6.20 10.06
N LYS A 114 -26.05 -6.44 10.24
CA LYS A 114 -26.87 -5.76 11.25
C LYS A 114 -26.64 -6.36 12.63
N ASN A 115 -26.65 -7.68 12.70
CA ASN A 115 -26.58 -8.41 13.97
C ASN A 115 -25.22 -9.07 14.10
N VAL A 116 -24.36 -8.53 14.97
CA VAL A 116 -22.96 -8.95 14.98
C VAL A 116 -22.76 -10.41 15.37
N ASP A 117 -21.97 -11.10 14.55
CA ASP A 117 -21.68 -12.53 14.69
C ASP A 117 -22.91 -13.44 14.54
N LYS A 118 -24.00 -12.91 13.98
CA LYS A 118 -25.16 -13.73 13.64
C LYS A 118 -24.89 -14.53 12.37
N VAL A 119 -24.87 -15.84 12.52
CA VAL A 119 -24.64 -16.77 11.40
C VAL A 119 -25.96 -16.96 10.65
N LEU A 120 -25.89 -16.82 9.32
CA LEU A 120 -27.10 -16.91 8.49
C LEU A 120 -27.15 -18.20 7.67
N GLU A 121 -28.36 -18.54 7.23
CA GLU A 121 -28.57 -19.66 6.33
C GLU A 121 -28.07 -19.30 4.93
N VAL A 122 -27.37 -20.25 4.32
CA VAL A 122 -26.81 -20.10 2.97
C VAL A 122 -27.83 -20.61 1.95
N PRO A 123 -28.09 -19.81 0.87
CA PRO A 123 -28.94 -20.33 -0.20
C PRO A 123 -28.33 -21.58 -0.86
N PRO A 124 -29.16 -22.60 -1.17
CA PRO A 124 -28.60 -23.73 -1.92
C PRO A 124 -28.08 -23.34 -3.31
N ILE A 125 -27.00 -24.00 -3.74
CA ILE A 125 -26.50 -23.85 -5.13
C ILE A 125 -27.10 -24.89 -6.05
N VAL A 126 -27.06 -24.62 -7.35
CA VAL A 126 -27.44 -25.62 -8.34
C VAL A 126 -26.24 -26.51 -8.66
N TYR A 127 -26.48 -27.83 -8.69
CA TYR A 127 -25.48 -28.80 -9.16
C TYR A 127 -25.90 -29.29 -10.53
N LEU A 128 -24.93 -29.48 -11.42
CA LEU A 128 -25.18 -30.08 -12.73
C LEU A 128 -25.47 -31.58 -12.59
N ARG A 129 -24.77 -32.23 -11.67
CA ARG A 129 -24.92 -33.65 -11.41
C ARG A 129 -25.00 -33.92 -9.91
N GLN A 130 -25.79 -34.92 -9.52
CA GLN A 130 -25.95 -35.29 -8.11
C GLN A 130 -24.61 -35.65 -7.48
N GLU A 131 -23.73 -36.24 -8.28
CA GLU A 131 -22.37 -36.64 -7.88
C GLU A 131 -21.56 -35.48 -7.29
N GLN A 132 -21.77 -34.28 -7.83
CA GLN A 132 -21.11 -33.08 -7.33
C GLN A 132 -21.56 -32.74 -5.90
N GLU A 133 -22.86 -32.89 -5.65
CA GLU A 133 -23.40 -32.63 -4.32
C GLU A 133 -22.91 -33.68 -3.32
N GLU A 134 -22.91 -34.95 -3.73
CA GLU A 134 -22.43 -36.05 -2.90
C GLU A 134 -20.97 -35.86 -2.50
N GLU A 135 -20.13 -35.47 -3.45
CA GLU A 135 -18.70 -35.26 -3.20
C GLU A 135 -18.46 -34.10 -2.24
N GLY A 136 -19.18 -33.00 -2.46
CA GLY A 136 -19.13 -31.85 -1.56
C GLY A 136 -19.63 -32.18 -0.16
N ARG A 137 -20.70 -32.96 -0.09
CA ARG A 137 -21.28 -33.34 1.20
C ARG A 137 -20.28 -34.17 2.01
N LYS A 138 -19.54 -35.04 1.34
CA LYS A 138 -18.49 -35.85 1.97
C LYS A 138 -17.35 -34.99 2.53
N ARG A 139 -16.95 -33.95 1.79
CA ARG A 139 -15.91 -33.04 2.26
C ARG A 139 -16.40 -32.21 3.46
N TYR A 140 -17.65 -31.75 3.37
CA TYR A 140 -18.33 -31.05 4.47
C TYR A 140 -18.33 -31.88 5.74
N GLU A 141 -18.81 -33.11 5.64
CA GLU A 141 -18.82 -34.06 6.75
C GLU A 141 -17.42 -34.30 7.34
N ALA A 142 -16.42 -34.41 6.47
CA ALA A 142 -15.02 -34.63 6.90
C ALA A 142 -14.52 -33.50 7.83
N GLN A 143 -14.67 -32.26 7.39
CA GLN A 143 -14.22 -31.12 8.19
C GLN A 143 -15.08 -30.89 9.44
N LYS A 144 -16.39 -31.12 9.31
CA LYS A 144 -17.31 -31.04 10.45
C LYS A 144 -16.90 -32.02 11.56
N LEU A 145 -16.62 -33.26 11.16
CA LEU A 145 -16.21 -34.32 12.08
C LEU A 145 -14.85 -34.01 12.71
N GLU A 146 -13.90 -33.54 11.90
CA GLU A 146 -12.55 -33.22 12.35
C GLU A 146 -12.54 -32.11 13.41
N ARG A 147 -13.43 -31.14 13.27
CA ARG A 147 -13.56 -30.04 14.22
C ARG A 147 -14.13 -30.49 15.58
N MET A 148 -14.15 -31.80 15.79
CA MET A 148 -14.45 -32.40 17.08
C MET A 148 -13.27 -33.26 17.53
N GLU A 149 -12.18 -33.17 16.77
CA GLU A 149 -10.97 -34.00 16.92
C GLU A 149 -11.24 -35.49 16.68
N ALA B 2 1.51 18.43 -5.83
CA ALA B 2 1.99 17.13 -5.28
C ALA B 2 3.41 16.79 -5.72
N MET B 3 4.18 16.18 -4.82
CA MET B 3 5.53 15.79 -5.12
C MET B 3 5.79 14.45 -4.45
N ARG B 4 6.23 13.48 -5.23
CA ARG B 4 6.46 12.12 -4.74
C ARG B 4 7.62 11.44 -5.48
N ILE B 5 8.46 10.74 -4.72
CA ILE B 5 9.49 9.88 -5.29
C ILE B 5 8.84 8.61 -5.85
N MET B 6 9.18 8.27 -7.09
CA MET B 6 8.68 7.05 -7.72
C MET B 6 9.39 5.81 -7.16
N ARG B 7 8.58 4.82 -6.80
CA ARG B 7 9.04 3.63 -6.12
C ARG B 7 8.90 2.40 -7.04
N PRO B 8 9.60 1.29 -6.72
CA PRO B 8 9.52 0.07 -7.54
C PRO B 8 8.10 -0.37 -7.90
N ASP B 9 7.18 -0.28 -6.95
CA ASP B 9 5.80 -0.72 -7.19
C ASP B 9 5.01 0.22 -8.10
N ASP B 10 5.55 1.42 -8.34
CA ASP B 10 4.95 2.37 -9.31
C ASP B 10 5.35 2.08 -10.76
N ALA B 11 6.24 1.11 -10.95
CA ALA B 11 6.92 0.95 -12.24
C ALA B 11 6.82 -0.47 -12.80
N ASN B 12 6.88 -0.56 -14.12
CA ASN B 12 6.95 -1.85 -14.79
C ASN B 12 8.32 -2.52 -14.60
N VAL B 13 8.52 -3.67 -15.23
CA VAL B 13 9.76 -4.43 -15.10
C VAL B 13 10.98 -3.75 -15.73
N ALA B 14 10.73 -2.79 -16.62
CA ALA B 14 11.81 -1.98 -17.21
C ALA B 14 12.19 -0.80 -16.30
N GLY B 15 11.54 -0.69 -15.15
CA GLY B 15 11.79 0.42 -14.22
C GLY B 15 11.13 1.74 -14.60
N ASN B 16 10.22 1.68 -15.58
CA ASN B 16 9.48 2.87 -16.00
C ASN B 16 8.10 2.90 -15.36
N VAL B 17 7.75 4.07 -14.83
CA VAL B 17 6.50 4.25 -14.10
C VAL B 17 5.29 3.93 -15.00
N HIS B 18 4.33 3.20 -14.44
CA HIS B 18 3.09 2.85 -15.13
C HIS B 18 2.24 4.07 -15.41
N GLY B 19 1.61 4.10 -16.58
CA GLY B 19 0.61 5.10 -16.90
C GLY B 19 -0.44 5.24 -15.80
N GLY B 20 -0.90 4.11 -15.26
CA GLY B 20 -1.94 4.09 -14.23
C GLY B 20 -1.56 4.82 -12.96
N THR B 21 -0.28 4.71 -12.58
CA THR B 21 0.26 5.39 -11.39
C THR B 21 0.15 6.91 -11.56
N ILE B 22 0.51 7.38 -12.75
CA ILE B 22 0.44 8.80 -13.07
C ILE B 22 -1.02 9.24 -13.15
N LEU B 23 -1.88 8.44 -13.78
CA LEU B 23 -3.30 8.78 -13.88
C LEU B 23 -3.92 8.95 -12.51
N LYS B 24 -3.58 8.04 -11.59
CA LYS B 24 -4.04 8.12 -10.19
C LYS B 24 -3.63 9.43 -9.52
N MET B 25 -2.36 9.83 -9.69
CA MET B 25 -1.84 11.07 -9.10
C MET B 25 -2.53 12.29 -9.69
N ILE B 26 -2.72 12.26 -11.01
CA ILE B 26 -3.44 13.29 -11.74
C ILE B 26 -4.83 13.50 -11.16
N GLU B 27 -5.57 12.41 -10.98
CA GLU B 27 -6.94 12.51 -10.47
C GLU B 27 -6.97 12.97 -9.01
N GLU B 28 -5.98 12.54 -8.21
CA GLU B 28 -5.87 13.00 -6.82
C GLU B 28 -5.76 14.53 -6.77
N ALA B 29 -4.87 15.08 -7.60
CA ALA B 29 -4.73 16.54 -7.69
C ALA B 29 -6.04 17.21 -8.14
N GLY B 30 -6.67 16.65 -9.17
CA GLY B 30 -7.95 17.17 -9.67
C GLY B 30 -9.04 17.13 -8.61
N ALA B 31 -9.09 16.04 -7.84
CA ALA B 31 -10.11 15.88 -6.79
C ALA B 31 -9.98 16.93 -5.68
N ILE B 32 -8.74 17.23 -5.26
CA ILE B 32 -8.50 18.19 -4.20
C ILE B 32 -8.93 19.57 -4.65
N ILE B 33 -8.46 19.95 -5.83
CA ILE B 33 -8.63 21.32 -6.30
C ILE B 33 -10.11 21.63 -6.58
N SER B 34 -10.81 20.67 -7.19
CA SER B 34 -12.24 20.81 -7.50
C SER B 34 -13.14 20.78 -6.26
N THR B 35 -12.88 19.86 -5.34
CA THR B 35 -13.64 19.81 -4.08
C THR B 35 -13.49 21.09 -3.26
N ARG B 36 -12.25 21.56 -3.10
CA ARG B 36 -12.02 22.81 -2.39
C ARG B 36 -12.86 23.94 -3.02
N HIS B 37 -12.79 24.03 -4.35
CA HIS B 37 -13.49 25.10 -5.05
C HIS B 37 -15.00 25.00 -4.87
N CYS B 38 -15.54 23.80 -5.01
CA CYS B 38 -16.99 23.63 -4.91
C CYS B 38 -17.55 23.92 -3.51
N ASN B 39 -16.68 23.91 -2.50
CA ASN B 39 -17.06 24.28 -1.13
C ASN B 39 -16.62 25.68 -0.72
N SER B 40 -16.00 26.39 -1.65
CA SER B 40 -15.31 27.66 -1.35
C SER B 40 -16.25 28.81 -1.00
N GLN B 41 -17.53 28.65 -1.32
CA GLN B 41 -18.51 29.69 -1.01
C GLN B 41 -19.54 29.22 0.02
N ASN B 42 -19.13 28.24 0.83
CA ASN B 42 -19.95 27.70 1.91
C ASN B 42 -21.36 27.33 1.49
N GLY B 43 -21.47 26.81 0.27
CA GLY B 43 -22.71 26.19 -0.17
C GLY B 43 -22.86 24.85 0.52
N GLU B 44 -23.89 24.10 0.13
CA GLU B 44 -24.10 22.75 0.62
C GLU B 44 -22.79 21.93 0.57
N ARG B 45 -22.49 21.23 1.66
CA ARG B 45 -21.26 20.45 1.73
C ARG B 45 -21.23 19.37 0.65
N CYS B 46 -20.13 19.31 -0.09
CA CYS B 46 -20.05 18.44 -1.27
C CYS B 46 -18.64 17.95 -1.53
N VAL B 47 -18.55 16.94 -2.38
CA VAL B 47 -17.29 16.42 -2.88
C VAL B 47 -17.41 16.31 -4.40
N ALA B 48 -16.36 16.72 -5.09
CA ALA B 48 -16.33 16.71 -6.55
C ALA B 48 -16.09 15.28 -7.09
N ALA B 49 -16.91 14.86 -8.05
CA ALA B 49 -16.76 13.54 -8.67
C ALA B 49 -16.20 13.67 -10.09
N LEU B 50 -15.26 12.81 -10.44
CA LEU B 50 -14.71 12.80 -11.80
C LEU B 50 -15.76 12.35 -12.84
N ALA B 51 -16.12 13.26 -13.75
CA ALA B 51 -17.10 12.95 -14.80
C ALA B 51 -16.47 12.58 -16.15
N ARG B 52 -15.30 13.17 -16.44
CA ARG B 52 -14.68 13.02 -17.75
C ARG B 52 -13.17 13.22 -17.69
N VAL B 53 -12.46 12.39 -18.45
CA VAL B 53 -11.04 12.58 -18.70
C VAL B 53 -10.92 12.83 -20.19
N GLU B 54 -10.33 13.97 -20.56
CA GLU B 54 -10.09 14.30 -21.97
C GLU B 54 -8.91 13.47 -22.49
N ARG B 55 -8.72 13.43 -23.80
CA ARG B 55 -7.56 12.75 -24.38
C ARG B 55 -6.27 13.26 -23.72
N THR B 56 -5.35 12.35 -23.43
CA THR B 56 -4.02 12.72 -22.95
C THR B 56 -2.94 11.85 -23.56
N ASP B 57 -1.81 12.46 -23.89
CA ASP B 57 -0.67 11.77 -24.48
C ASP B 57 0.50 11.73 -23.50
N PHE B 58 1.10 10.54 -23.34
CA PHE B 58 2.27 10.42 -22.50
C PHE B 58 3.54 10.56 -23.35
N LEU B 59 4.27 11.64 -23.10
CA LEU B 59 5.33 12.12 -23.98
C LEU B 59 6.69 11.51 -23.69
N SER B 60 6.96 11.24 -22.42
CA SER B 60 8.27 10.78 -21.99
C SER B 60 8.12 9.91 -20.76
N PRO B 61 9.04 8.96 -20.57
CA PRO B 61 8.95 8.06 -19.44
C PRO B 61 9.39 8.72 -18.13
N MET B 62 9.00 8.10 -17.03
CA MET B 62 9.45 8.48 -15.72
C MET B 62 9.98 7.22 -15.08
N CYS B 63 11.13 7.34 -14.39
CA CYS B 63 11.82 6.18 -13.85
C CYS B 63 11.76 6.13 -12.34
N ILE B 64 11.94 4.94 -11.78
CA ILE B 64 12.08 4.76 -10.33
C ILE B 64 13.18 5.68 -9.81
N GLY B 65 12.90 6.35 -8.71
CA GLY B 65 13.88 7.22 -8.08
C GLY B 65 13.73 8.67 -8.50
N GLU B 66 13.05 8.88 -9.62
CA GLU B 66 12.74 10.23 -10.09
C GLU B 66 11.54 10.77 -9.30
N VAL B 67 11.40 12.09 -9.30
CA VAL B 67 10.35 12.77 -8.55
C VAL B 67 9.24 13.20 -9.53
N ALA B 68 8.03 12.73 -9.26
CA ALA B 68 6.84 13.17 -10.00
C ALA B 68 6.33 14.46 -9.39
N HIS B 69 6.19 15.49 -10.23
CA HIS B 69 5.62 16.76 -9.83
C HIS B 69 4.26 16.87 -10.51
N VAL B 70 3.22 17.08 -9.71
CA VAL B 70 1.86 17.11 -10.23
C VAL B 70 1.25 18.43 -9.79
N SER B 71 0.82 19.23 -10.75
CA SER B 71 0.22 20.52 -10.45
C SER B 71 -1.09 20.66 -11.22
N ALA B 72 -2.09 21.22 -10.55
CA ALA B 72 -3.43 21.36 -11.11
C ALA B 72 -3.89 22.82 -11.10
N GLU B 73 -4.74 23.17 -12.08
CA GLU B 73 -5.35 24.50 -12.19
C GLU B 73 -6.78 24.33 -12.70
N ILE B 74 -7.73 25.02 -12.06
CA ILE B 74 -9.10 25.07 -12.55
C ILE B 74 -9.12 26.06 -13.70
N THR B 75 -9.49 25.58 -14.88
CA THR B 75 -9.39 26.36 -16.10
C THR B 75 -10.74 26.82 -16.64
N TYR B 76 -11.83 26.19 -16.16
CA TYR B 76 -13.19 26.60 -16.53
C TYR B 76 -14.21 26.11 -15.51
N THR B 77 -15.27 26.88 -15.28
CA THR B 77 -16.44 26.39 -14.57
C THR B 77 -17.70 26.68 -15.36
N SER B 78 -18.56 25.68 -15.44
CA SER B 78 -19.90 25.85 -15.99
C SER B 78 -20.86 25.96 -14.81
N LYS B 79 -22.17 25.87 -15.07
CA LYS B 79 -23.17 25.97 -14.01
C LYS B 79 -22.97 24.87 -12.96
N HIS B 80 -22.68 23.66 -13.42
CA HIS B 80 -22.58 22.50 -12.55
C HIS B 80 -21.30 21.69 -12.69
N SER B 81 -20.30 22.20 -13.41
CA SER B 81 -19.06 21.44 -13.58
C SER B 81 -17.78 22.27 -13.53
N VAL B 82 -16.67 21.58 -13.32
CA VAL B 82 -15.34 22.17 -13.14
C VAL B 82 -14.37 21.52 -14.10
N GLU B 83 -13.70 22.33 -14.93
CA GLU B 83 -12.62 21.83 -15.76
C GLU B 83 -11.26 22.04 -15.06
N VAL B 84 -10.49 20.96 -14.97
CA VAL B 84 -9.16 21.01 -14.34
C VAL B 84 -8.09 20.58 -15.33
N GLN B 85 -7.06 21.40 -15.48
CA GLN B 85 -5.88 21.01 -16.25
C GLN B 85 -4.79 20.61 -15.26
N VAL B 86 -4.21 19.44 -15.50
CA VAL B 86 -3.17 18.90 -14.63
C VAL B 86 -1.89 18.70 -15.45
N HIS B 87 -0.76 19.18 -14.93
CA HIS B 87 0.55 18.95 -15.56
C HIS B 87 1.38 17.98 -14.72
N VAL B 88 2.01 17.03 -15.39
CA VAL B 88 2.94 16.11 -14.72
C VAL B 88 4.34 16.28 -15.30
N MET B 89 5.30 16.55 -14.41
CA MET B 89 6.71 16.69 -14.77
C MET B 89 7.51 15.65 -13.99
N SER B 90 8.49 15.04 -14.65
CA SER B 90 9.47 14.22 -13.96
C SER B 90 10.72 15.04 -13.67
N GLU B 91 11.30 14.82 -12.49
CA GLU B 91 12.56 15.46 -12.11
C GLU B 91 13.54 14.41 -11.61
N ASN B 92 14.72 14.38 -12.23
CA ASN B 92 15.80 13.57 -11.72
C ASN B 92 16.62 14.47 -10.79
N ILE B 93 16.59 14.19 -9.48
CA ILE B 93 17.24 15.07 -8.49
C ILE B 93 18.75 14.81 -8.33
N LEU B 94 19.25 13.82 -9.07
CA LEU B 94 20.70 13.58 -9.17
C LEU B 94 21.33 14.39 -10.29
N THR B 95 20.68 14.37 -11.47
CA THR B 95 21.19 15.05 -12.67
C THR B 95 20.58 16.44 -12.83
N GLY B 96 19.38 16.62 -12.27
CA GLY B 96 18.66 17.89 -12.34
C GLY B 96 17.70 17.97 -13.51
N THR B 97 17.69 16.94 -14.34
CA THR B 97 16.90 16.93 -15.58
C THR B 97 15.41 16.87 -15.29
N LYS B 98 14.66 17.78 -15.92
CA LYS B 98 13.20 17.81 -15.83
C LYS B 98 12.55 17.61 -17.20
N LYS B 99 11.48 16.83 -17.24
CA LYS B 99 10.78 16.51 -18.50
C LYS B 99 9.28 16.58 -18.30
N LEU B 100 8.56 17.04 -19.31
CA LEU B 100 7.11 17.02 -19.29
C LEU B 100 6.62 15.61 -19.60
N THR B 101 5.95 15.01 -18.62
CA THR B 101 5.40 13.67 -18.77
C THR B 101 4.12 13.70 -19.59
N ASN B 102 3.17 14.55 -19.15
CA ASN B 102 1.91 14.76 -19.85
C ASN B 102 1.11 15.91 -19.27
N LYS B 103 0.14 16.36 -20.06
CA LYS B 103 -0.84 17.35 -19.67
C LYS B 103 -2.19 16.65 -19.82
N ALA B 104 -3.03 16.72 -18.80
CA ALA B 104 -4.36 16.11 -18.87
C ALA B 104 -5.43 17.13 -18.53
N THR B 105 -6.64 16.92 -19.02
CA THR B 105 -7.76 17.77 -18.66
C THR B 105 -8.89 16.88 -18.11
N LEU B 106 -9.45 17.30 -16.97
CA LEU B 106 -10.47 16.55 -16.26
C LEU B 106 -11.70 17.42 -16.05
N TRP B 107 -12.86 16.80 -16.01
CA TRP B 107 -14.09 17.49 -15.68
C TRP B 107 -14.68 16.85 -14.42
N TYR B 108 -14.95 17.71 -13.43
CA TYR B 108 -15.57 17.30 -12.17
C TYR B 108 -16.97 17.89 -11.99
N VAL B 109 -17.81 17.17 -11.27
CA VAL B 109 -19.16 17.63 -10.93
C VAL B 109 -19.37 17.48 -9.42
N PRO B 110 -19.77 18.57 -8.71
CA PRO B 110 -19.99 18.42 -7.26
C PRO B 110 -21.30 17.71 -6.90
N LEU B 111 -21.18 16.76 -5.97
CA LEU B 111 -22.33 16.06 -5.45
C LEU B 111 -22.46 16.30 -3.96
N SER B 112 -23.67 16.62 -3.52
CA SER B 112 -23.97 16.82 -2.11
C SER B 112 -23.53 15.61 -1.29
N LEU B 113 -22.94 15.89 -0.12
CA LEU B 113 -22.55 14.84 0.82
C LEU B 113 -23.77 14.12 1.40
N LYS B 114 -24.88 14.84 1.54
CA LYS B 114 -26.08 14.29 2.17
C LYS B 114 -27.03 13.67 1.15
N ASN B 115 -26.87 14.03 -0.12
CA ASN B 115 -27.63 13.44 -1.22
C ASN B 115 -26.73 13.26 -2.45
N VAL B 116 -26.24 12.04 -2.63
CA VAL B 116 -25.27 11.70 -3.69
C VAL B 116 -25.81 11.96 -5.11
N ASP B 117 -27.13 11.95 -5.25
CA ASP B 117 -27.74 12.23 -6.55
C ASP B 117 -27.98 13.71 -6.84
N LYS B 118 -27.69 14.56 -5.86
CA LYS B 118 -27.87 16.00 -6.04
C LYS B 118 -26.60 16.65 -6.58
N VAL B 119 -26.69 17.12 -7.82
CA VAL B 119 -25.63 17.90 -8.46
C VAL B 119 -25.78 19.35 -8.00
N LEU B 120 -24.68 19.90 -7.49
CA LEU B 120 -24.68 21.26 -6.99
C LEU B 120 -24.19 22.27 -8.03
N GLU B 121 -24.52 23.53 -7.79
CA GLU B 121 -24.01 24.61 -8.61
C GLU B 121 -22.57 24.90 -8.23
N VAL B 122 -21.75 25.18 -9.23
CA VAL B 122 -20.33 25.45 -9.01
C VAL B 122 -20.12 26.96 -8.91
N PRO B 123 -19.45 27.43 -7.82
CA PRO B 123 -19.13 28.85 -7.75
C PRO B 123 -18.29 29.30 -8.93
N PRO B 124 -18.50 30.54 -9.39
CA PRO B 124 -17.68 31.10 -10.48
C PRO B 124 -16.21 31.19 -10.09
N ILE B 125 -15.34 31.11 -11.09
CA ILE B 125 -13.95 31.48 -10.90
C ILE B 125 -13.71 32.82 -11.56
N VAL B 126 -12.63 33.49 -11.18
CA VAL B 126 -12.25 34.73 -11.86
C VAL B 126 -11.12 34.42 -12.86
N TYR B 127 -11.30 34.85 -14.09
CA TYR B 127 -10.30 34.62 -15.13
C TYR B 127 -9.28 35.75 -15.22
N LEU B 128 -8.01 35.36 -15.33
CA LEU B 128 -6.93 36.33 -15.54
C LEU B 128 -7.01 36.95 -16.95
N ARG B 129 -7.50 36.16 -17.90
CA ARG B 129 -7.57 36.56 -19.30
C ARG B 129 -8.87 36.12 -19.92
N GLN B 130 -9.53 37.03 -20.62
CA GLN B 130 -10.80 36.73 -21.27
C GLN B 130 -10.67 35.57 -22.27
N GLU B 131 -9.52 35.47 -22.93
CA GLU B 131 -9.28 34.37 -23.87
C GLU B 131 -9.34 33.01 -23.17
N GLN B 132 -8.98 32.99 -21.89
CA GLN B 132 -9.05 31.77 -21.08
C GLN B 132 -10.50 31.33 -20.85
N GLU B 133 -11.38 32.28 -20.55
CA GLU B 133 -12.81 31.98 -20.43
C GLU B 133 -13.39 31.51 -21.76
N GLU B 134 -12.97 32.16 -22.84
CA GLU B 134 -13.47 31.87 -24.19
C GLU B 134 -13.01 30.50 -24.67
N GLU B 135 -11.71 30.20 -24.48
CA GLU B 135 -11.15 28.88 -24.78
C GLU B 135 -11.83 27.79 -23.94
N GLY B 136 -11.99 28.06 -22.64
CA GLY B 136 -12.68 27.15 -21.73
C GLY B 136 -14.11 26.89 -22.17
N ARG B 137 -14.81 27.95 -22.57
CA ARG B 137 -16.19 27.84 -23.06
C ARG B 137 -16.27 26.95 -24.30
N LYS B 138 -15.32 27.12 -25.22
CA LYS B 138 -15.28 26.32 -26.45
C LYS B 138 -15.03 24.84 -26.17
N ARG B 139 -14.13 24.56 -25.22
CA ARG B 139 -13.87 23.19 -24.76
C ARG B 139 -15.12 22.59 -24.07
N TYR B 140 -15.75 23.37 -23.19
CA TYR B 140 -17.02 23.00 -22.55
C TYR B 140 -18.07 22.63 -23.63
N GLU B 141 -18.20 23.52 -24.62
CA GLU B 141 -19.13 23.31 -25.73
C GLU B 141 -18.83 22.04 -26.51
N ALA B 142 -17.55 21.82 -26.80
CA ALA B 142 -17.12 20.63 -27.56
C ALA B 142 -17.56 19.35 -26.88
N GLN B 143 -17.33 19.25 -25.56
CA GLN B 143 -17.75 18.06 -24.81
C GLN B 143 -19.26 17.97 -24.58
N LYS B 144 -19.93 19.11 -24.36
CA LYS B 144 -21.39 19.13 -24.23
C LYS B 144 -22.06 18.60 -25.50
N LEU B 145 -21.62 19.12 -26.64
CA LEU B 145 -22.15 18.75 -27.95
C LEU B 145 -21.90 17.27 -28.24
N GLU B 146 -20.71 16.79 -27.91
CA GLU B 146 -20.34 15.40 -28.14
C GLU B 146 -21.21 14.45 -27.32
N ARG B 147 -21.44 14.80 -26.05
CA ARG B 147 -22.26 13.98 -25.15
C ARG B 147 -23.74 14.03 -25.52
N MET B 148 -24.15 15.10 -26.20
CA MET B 148 -25.50 15.19 -26.78
C MET B 148 -25.68 14.20 -27.93
N GLU B 149 -24.67 13.34 -28.11
CA GLU B 149 -24.65 12.26 -29.11
C GLU B 149 -24.61 12.81 -30.53
N GLY C 1 -10.59 -11.29 -17.54
CA GLY C 1 -10.67 -9.91 -16.97
C GLY C 1 -10.01 -9.76 -15.60
N ALA C 2 -10.43 -8.73 -14.87
CA ALA C 2 -9.93 -8.49 -13.53
C ALA C 2 -11.07 -7.98 -12.65
N MET C 3 -11.14 -8.47 -11.42
CA MET C 3 -12.07 -7.90 -10.46
C MET C 3 -11.39 -7.72 -9.10
N ARG C 4 -11.83 -6.69 -8.38
CA ARG C 4 -11.47 -6.54 -6.98
C ARG C 4 -12.47 -5.68 -6.22
N ILE C 5 -12.57 -5.97 -4.93
CA ILE C 5 -13.46 -5.26 -4.02
C ILE C 5 -12.88 -3.89 -3.75
N MET C 6 -13.77 -2.89 -3.74
CA MET C 6 -13.37 -1.53 -3.42
C MET C 6 -13.24 -1.38 -1.91
N ARG C 7 -12.12 -0.79 -1.50
CA ARG C 7 -11.72 -0.71 -0.10
C ARG C 7 -11.79 0.75 0.38
N PRO C 8 -11.74 0.99 1.70
CA PRO C 8 -11.77 2.37 2.20
C PRO C 8 -10.79 3.33 1.52
N ASP C 9 -9.54 2.90 1.32
CA ASP C 9 -8.53 3.77 0.69
C ASP C 9 -8.81 4.06 -0.79
N ASP C 10 -9.74 3.32 -1.39
CA ASP C 10 -10.18 3.54 -2.77
C ASP C 10 -11.22 4.65 -2.92
N ALA C 11 -11.77 5.11 -1.81
CA ALA C 11 -12.94 5.99 -1.85
C ALA C 11 -12.79 7.29 -1.06
N ASN C 12 -13.59 8.28 -1.41
CA ASN C 12 -13.60 9.56 -0.70
C ASN C 12 -14.40 9.46 0.60
N VAL C 13 -14.64 10.60 1.23
CA VAL C 13 -15.38 10.68 2.48
C VAL C 13 -16.89 10.40 2.28
N ALA C 14 -17.36 10.56 1.06
CA ALA C 14 -18.75 10.21 0.68
C ALA C 14 -18.96 8.69 0.52
N GLY C 15 -17.85 7.94 0.50
CA GLY C 15 -17.87 6.48 0.31
C GLY C 15 -17.79 6.06 -1.15
N ASN C 16 -17.63 7.04 -2.03
CA ASN C 16 -17.57 6.81 -3.47
C ASN C 16 -16.15 6.67 -3.95
N VAL C 17 -15.93 5.69 -4.83
CA VAL C 17 -14.60 5.37 -5.32
C VAL C 17 -14.03 6.53 -6.14
N HIS C 18 -12.77 6.88 -5.86
CA HIS C 18 -12.06 7.92 -6.62
C HIS C 18 -11.90 7.51 -8.08
N GLY C 19 -12.10 8.44 -9.01
CA GLY C 19 -11.81 8.20 -10.43
C GLY C 19 -10.41 7.63 -10.66
N GLY C 20 -9.43 8.16 -9.92
CA GLY C 20 -8.03 7.73 -10.05
C GLY C 20 -7.79 6.25 -9.81
N THR C 21 -8.57 5.69 -8.89
CA THR C 21 -8.58 4.25 -8.57
C THR C 21 -8.99 3.44 -9.80
N ILE C 22 -10.05 3.88 -10.46
CA ILE C 22 -10.57 3.18 -11.64
C ILE C 22 -9.61 3.36 -12.82
N LEU C 23 -9.07 4.57 -12.99
CA LEU C 23 -8.09 4.82 -14.06
C LEU C 23 -6.88 3.89 -13.93
N LYS C 24 -6.42 3.70 -12.69
CA LYS C 24 -5.27 2.83 -12.42
C LYS C 24 -5.61 1.39 -12.84
N MET C 25 -6.82 0.94 -12.49
CA MET C 25 -7.26 -0.40 -12.87
C MET C 25 -7.38 -0.57 -14.38
N ILE C 26 -7.91 0.45 -15.05
CA ILE C 26 -8.07 0.43 -16.50
C ILE C 26 -6.70 0.24 -17.17
N GLU C 27 -5.71 1.00 -16.71
CA GLU C 27 -4.37 0.95 -17.28
C GLU C 27 -3.69 -0.40 -16.98
N GLU C 28 -3.94 -0.94 -15.79
CA GLU C 28 -3.42 -2.29 -15.45
C GLU C 28 -3.89 -3.33 -16.46
N ALA C 29 -5.17 -3.27 -16.84
CA ALA C 29 -5.73 -4.21 -17.80
C ALA C 29 -5.11 -4.01 -19.19
N GLY C 30 -5.00 -2.76 -19.63
CA GLY C 30 -4.41 -2.41 -20.92
C GLY C 30 -2.95 -2.85 -21.04
N ALA C 31 -2.18 -2.63 -19.97
CA ALA C 31 -0.76 -3.02 -19.93
C ALA C 31 -0.56 -4.53 -20.13
N ILE C 32 -1.32 -5.34 -19.40
CA ILE C 32 -1.23 -6.80 -19.51
C ILE C 32 -1.56 -7.27 -20.95
N ILE C 33 -2.72 -6.84 -21.45
CA ILE C 33 -3.19 -7.34 -22.75
C ILE C 33 -2.26 -6.91 -23.92
N SER C 34 -1.77 -5.68 -23.86
CA SER C 34 -0.90 -5.16 -24.91
C SER C 34 0.51 -5.80 -24.83
N THR C 35 1.05 -5.94 -23.62
CA THR C 35 2.36 -6.56 -23.42
C THR C 35 2.33 -8.03 -23.91
N ARG C 36 1.32 -8.78 -23.49
CA ARG C 36 1.14 -10.14 -23.99
C ARG C 36 1.12 -10.16 -25.53
N HIS C 37 0.26 -9.35 -26.13
CA HIS C 37 0.17 -9.36 -27.59
C HIS C 37 1.50 -9.00 -28.29
N CYS C 38 2.22 -8.04 -27.74
CA CYS C 38 3.46 -7.57 -28.35
C CYS C 38 4.63 -8.56 -28.26
N ASN C 39 4.48 -9.57 -27.40
CA ASN C 39 5.44 -10.64 -27.30
C ASN C 39 4.92 -11.97 -27.87
N SER C 40 3.76 -11.92 -28.54
CA SER C 40 3.01 -13.13 -28.90
C SER C 40 3.58 -13.87 -30.11
N GLN C 41 4.48 -13.19 -30.84
CA GLN C 41 5.16 -13.79 -31.99
C GLN C 41 6.65 -13.97 -31.74
N ASN C 42 7.02 -13.96 -30.46
CA ASN C 42 8.42 -14.15 -30.02
C ASN C 42 9.43 -13.19 -30.67
N GLY C 43 9.02 -11.94 -30.83
CA GLY C 43 9.92 -10.89 -31.26
C GLY C 43 10.84 -10.50 -30.12
N GLU C 44 11.61 -9.43 -30.33
CA GLU C 44 12.44 -8.85 -29.27
C GLU C 44 11.59 -8.63 -28.01
N ARG C 45 12.07 -9.11 -26.86
CA ARG C 45 11.29 -9.00 -25.61
C ARG C 45 11.01 -7.54 -25.27
N CYS C 46 9.76 -7.27 -24.90
CA CYS C 46 9.32 -5.91 -24.72
C CYS C 46 8.23 -5.79 -23.66
N VAL C 47 7.90 -4.55 -23.33
CA VAL C 47 6.80 -4.23 -22.41
C VAL C 47 6.07 -3.06 -23.04
N ALA C 48 4.75 -3.14 -23.10
CA ALA C 48 3.93 -2.08 -23.70
C ALA C 48 3.84 -0.89 -22.75
N ALA C 49 4.14 0.29 -23.26
CA ALA C 49 4.06 1.52 -22.48
C ALA C 49 2.81 2.28 -22.91
N LEU C 50 2.08 2.85 -21.94
CA LEU C 50 0.91 3.65 -22.26
C LEU C 50 1.28 4.96 -22.97
N ALA C 51 0.79 5.13 -24.19
CA ALA C 51 1.09 6.32 -24.97
C ALA C 51 -0.05 7.33 -24.94
N ARG C 52 -1.29 6.85 -24.88
CA ARG C 52 -2.46 7.71 -25.00
C ARG C 52 -3.68 7.14 -24.31
N VAL C 53 -4.44 8.03 -23.67
CA VAL C 53 -5.78 7.72 -23.18
C VAL C 53 -6.75 8.56 -24.01
N GLU C 54 -7.72 7.94 -24.65
CA GLU C 54 -8.75 8.69 -25.38
C GLU C 54 -9.74 9.26 -24.37
N ARG C 55 -10.54 10.24 -24.80
CA ARG C 55 -11.58 10.79 -23.90
C ARG C 55 -12.51 9.70 -23.39
N THR C 56 -12.87 9.83 -22.11
CA THR C 56 -13.70 8.83 -21.47
C THR C 56 -14.60 9.49 -20.44
N ASP C 57 -15.86 9.05 -20.43
CA ASP C 57 -16.88 9.57 -19.51
C ASP C 57 -17.17 8.56 -18.41
N PHE C 58 -17.23 9.05 -17.18
CA PHE C 58 -17.64 8.20 -16.06
C PHE C 58 -19.15 8.34 -15.81
N LEU C 59 -19.86 7.24 -16.02
CA LEU C 59 -21.33 7.23 -16.13
C LEU C 59 -22.06 7.02 -14.81
N SER C 60 -21.41 6.29 -13.90
CA SER C 60 -22.06 5.89 -12.66
C SER C 60 -21.02 5.71 -11.56
N PRO C 61 -21.38 6.06 -10.31
CA PRO C 61 -20.43 5.92 -9.23
C PRO C 61 -20.26 4.48 -8.80
N MET C 62 -19.22 4.24 -8.02
CA MET C 62 -18.94 2.95 -7.41
C MET C 62 -18.71 3.24 -5.93
N CYS C 63 -19.06 2.29 -5.07
CA CYS C 63 -18.98 2.49 -3.63
C CYS C 63 -18.03 1.47 -2.99
N ILE C 64 -17.51 1.80 -1.81
CA ILE C 64 -16.77 0.83 -0.99
C ILE C 64 -17.60 -0.45 -0.88
N GLY C 65 -16.95 -1.58 -1.07
CA GLY C 65 -17.61 -2.88 -0.90
C GLY C 65 -18.18 -3.43 -2.19
N GLU C 66 -18.35 -2.56 -3.19
CA GLU C 66 -18.73 -3.01 -4.52
C GLU C 66 -17.52 -3.60 -5.23
N VAL C 67 -17.77 -4.46 -6.22
CA VAL C 67 -16.71 -5.11 -6.96
C VAL C 67 -16.55 -4.42 -8.31
N ALA C 68 -15.34 -3.97 -8.60
CA ALA C 68 -15.01 -3.43 -9.93
C ALA C 68 -14.61 -4.57 -10.86
N HIS C 69 -15.29 -4.67 -12.00
CA HIS C 69 -14.97 -5.65 -13.05
C HIS C 69 -14.34 -4.90 -14.22
N VAL C 70 -13.14 -5.31 -14.60
CA VAL C 70 -12.42 -4.62 -15.67
C VAL C 70 -12.06 -5.59 -16.79
N SER C 71 -12.55 -5.31 -18.00
CA SER C 71 -12.29 -6.19 -19.14
C SER C 71 -11.67 -5.40 -20.29
N ALA C 72 -10.71 -6.02 -20.96
CA ALA C 72 -9.99 -5.36 -22.06
C ALA C 72 -10.02 -6.19 -23.35
N GLU C 73 -9.97 -5.49 -24.49
CA GLU C 73 -9.93 -6.12 -25.81
C GLU C 73 -9.06 -5.27 -26.73
N ILE C 74 -8.18 -5.93 -27.48
CA ILE C 74 -7.41 -5.24 -28.52
C ILE C 74 -8.30 -5.06 -29.75
N THR C 75 -8.48 -3.81 -30.15
CA THR C 75 -9.46 -3.47 -31.19
C THR C 75 -8.80 -3.00 -32.48
N TYR C 76 -7.51 -2.70 -32.40
CA TYR C 76 -6.73 -2.31 -33.58
C TYR C 76 -5.24 -2.42 -33.32
N THR C 77 -4.48 -2.75 -34.35
CA THR C 77 -3.04 -2.62 -34.30
C THR C 77 -2.54 -1.90 -35.55
N SER C 78 -1.59 -1.00 -35.33
CA SER C 78 -0.87 -0.36 -36.42
C SER C 78 0.52 -0.99 -36.48
N LYS C 79 1.44 -0.39 -37.23
CA LYS C 79 2.77 -0.99 -37.36
C LYS C 79 3.51 -1.07 -36.02
N HIS C 80 3.39 -0.02 -35.20
CA HIS C 80 4.09 0.06 -33.91
C HIS C 80 3.21 0.41 -32.70
N SER C 81 1.89 0.28 -32.84
CA SER C 81 0.99 0.57 -31.71
C SER C 81 -0.21 -0.36 -31.58
N VAL C 82 -0.77 -0.39 -30.37
CA VAL C 82 -1.90 -1.24 -30.03
C VAL C 82 -3.01 -0.39 -29.47
N GLU C 83 -4.21 -0.54 -30.03
CA GLU C 83 -5.40 0.10 -29.47
C GLU C 83 -6.17 -0.90 -28.59
N VAL C 84 -6.46 -0.49 -27.36
CA VAL C 84 -7.18 -1.36 -26.43
C VAL C 84 -8.44 -0.66 -25.92
N GLN C 85 -9.57 -1.36 -25.96
CA GLN C 85 -10.79 -0.85 -25.36
C GLN C 85 -11.04 -1.59 -24.05
N VAL C 86 -11.30 -0.81 -23.01
CA VAL C 86 -11.49 -1.34 -21.66
C VAL C 86 -12.88 -0.97 -21.18
N HIS C 87 -13.59 -1.93 -20.59
CA HIS C 87 -14.88 -1.69 -19.97
C HIS C 87 -14.77 -1.90 -18.47
N VAL C 88 -15.34 -0.98 -17.70
CA VAL C 88 -15.40 -1.12 -16.25
C VAL C 88 -16.86 -1.21 -15.83
N MET C 89 -17.17 -2.24 -15.06
CA MET C 89 -18.51 -2.47 -14.56
C MET C 89 -18.45 -2.59 -13.04
N SER C 90 -19.41 -1.97 -12.36
CA SER C 90 -19.52 -2.11 -10.91
C SER C 90 -20.56 -3.15 -10.58
N GLU C 91 -20.26 -3.98 -9.60
CA GLU C 91 -21.19 -5.00 -9.13
C GLU C 91 -21.38 -4.85 -7.64
N ASN C 92 -22.62 -4.64 -7.24
CA ASN C 92 -22.97 -4.67 -5.84
C ASN C 92 -23.29 -6.11 -5.48
N ILE C 93 -22.46 -6.71 -4.65
CA ILE C 93 -22.64 -8.12 -4.29
C ILE C 93 -23.64 -8.36 -3.17
N LEU C 94 -24.17 -7.28 -2.58
CA LEU C 94 -25.28 -7.43 -1.65
C LEU C 94 -26.62 -7.38 -2.39
N THR C 95 -26.78 -6.40 -3.28
CA THR C 95 -28.04 -6.23 -4.01
C THR C 95 -28.10 -7.00 -5.34
N GLY C 96 -26.92 -7.29 -5.92
CA GLY C 96 -26.84 -7.94 -7.22
C GLY C 96 -26.69 -6.97 -8.39
N THR C 97 -26.97 -5.70 -8.14
CA THR C 97 -27.02 -4.66 -9.17
C THR C 97 -25.68 -4.45 -9.88
N LYS C 98 -25.73 -4.45 -11.21
CA LYS C 98 -24.55 -4.19 -12.04
C LYS C 98 -24.76 -2.96 -12.91
N LYS C 99 -23.75 -2.11 -12.98
CA LYS C 99 -23.81 -0.87 -13.78
C LYS C 99 -22.52 -0.68 -14.57
N LEU C 100 -22.65 -0.13 -15.77
CA LEU C 100 -21.47 0.24 -16.55
C LEU C 100 -20.91 1.54 -15.96
N THR C 101 -19.68 1.45 -15.45
CA THR C 101 -19.00 2.61 -14.87
C THR C 101 -18.37 3.48 -15.96
N ASN C 102 -17.65 2.83 -16.88
CA ASN C 102 -16.78 3.52 -17.82
C ASN C 102 -16.44 2.61 -19.01
N LYS C 103 -16.32 3.20 -20.18
CA LYS C 103 -15.65 2.59 -21.32
C LYS C 103 -14.48 3.50 -21.71
N ALA C 104 -13.28 2.94 -21.85
CA ALA C 104 -12.10 3.75 -22.18
C ALA C 104 -11.28 3.10 -23.29
N THR C 105 -10.71 3.91 -24.17
CA THR C 105 -9.81 3.40 -25.20
C THR C 105 -8.38 3.90 -24.92
N LEU C 106 -7.42 3.00 -25.03
CA LEU C 106 -6.01 3.29 -24.76
C LEU C 106 -5.13 2.91 -25.96
N TRP C 107 -4.00 3.59 -26.10
CA TRP C 107 -2.98 3.18 -27.06
C TRP C 107 -1.66 2.86 -26.36
N TYR C 108 -1.13 1.69 -26.68
CA TYR C 108 0.18 1.26 -26.19
C TYR C 108 1.20 1.12 -27.30
N VAL C 109 2.47 1.30 -26.94
CA VAL C 109 3.59 1.13 -27.84
C VAL C 109 4.61 0.19 -27.16
N PRO C 110 5.02 -0.90 -27.85
CA PRO C 110 6.00 -1.82 -27.26
C PRO C 110 7.41 -1.24 -27.29
N LEU C 111 8.07 -1.30 -26.15
CA LEU C 111 9.45 -0.84 -26.02
C LEU C 111 10.33 -2.00 -25.58
N SER C 112 11.46 -2.15 -26.26
CA SER C 112 12.42 -3.21 -25.95
C SER C 112 12.89 -3.18 -24.51
N LEU C 113 13.00 -4.35 -23.90
CA LEU C 113 13.59 -4.44 -22.57
C LEU C 113 15.10 -4.20 -22.57
N LYS C 114 15.76 -4.67 -23.63
CA LYS C 114 17.22 -4.61 -23.74
C LYS C 114 17.68 -3.26 -24.31
N ASN C 115 16.96 -2.77 -25.31
CA ASN C 115 17.30 -1.50 -25.95
C ASN C 115 16.38 -0.38 -25.50
N VAL C 116 16.91 0.46 -24.61
CA VAL C 116 16.14 1.52 -23.97
C VAL C 116 15.43 2.42 -24.99
N ASP C 117 14.10 2.42 -24.90
CA ASP C 117 13.22 3.25 -25.74
C ASP C 117 13.18 2.84 -27.21
N LYS C 118 13.64 1.62 -27.52
CA LYS C 118 13.51 1.09 -28.88
C LYS C 118 12.08 0.61 -29.13
N VAL C 119 11.41 1.27 -30.06
CA VAL C 119 10.04 0.93 -30.44
C VAL C 119 10.05 -0.29 -31.34
N LEU C 120 9.19 -1.25 -31.02
CA LEU C 120 9.13 -2.49 -31.78
C LEU C 120 7.88 -2.62 -32.64
N GLU C 121 7.94 -3.52 -33.62
CA GLU C 121 6.80 -3.79 -34.48
C GLU C 121 5.75 -4.63 -33.75
N VAL C 122 4.49 -4.30 -33.99
CA VAL C 122 3.37 -4.95 -33.33
C VAL C 122 2.83 -6.06 -34.25
N PRO C 123 2.73 -7.30 -33.72
CA PRO C 123 2.11 -8.37 -34.52
C PRO C 123 0.69 -7.97 -34.98
N PRO C 124 0.26 -8.41 -36.18
CA PRO C 124 -1.10 -8.07 -36.62
C PRO C 124 -2.17 -8.83 -35.84
N ILE C 125 -3.38 -8.28 -35.79
CA ILE C 125 -4.50 -9.01 -35.21
C ILE C 125 -5.47 -9.42 -36.30
N VAL C 126 -6.33 -10.39 -35.99
CA VAL C 126 -7.37 -10.80 -36.91
C VAL C 126 -8.70 -10.20 -36.47
N TYR C 127 -9.46 -9.68 -37.44
CA TYR C 127 -10.72 -9.00 -37.18
C TYR C 127 -11.92 -9.91 -37.42
N LEU C 128 -12.82 -9.95 -36.42
CA LEU C 128 -14.06 -10.72 -36.51
C LEU C 128 -14.87 -10.30 -37.75
N ARG C 129 -15.01 -8.98 -37.93
CA ARG C 129 -15.60 -8.40 -39.13
C ARG C 129 -14.62 -7.40 -39.72
N GLN C 130 -14.54 -7.36 -41.05
CA GLN C 130 -13.59 -6.45 -41.72
C GLN C 130 -14.00 -4.97 -41.65
N GLU C 131 -15.28 -4.73 -41.33
CA GLU C 131 -15.77 -3.38 -41.00
C GLU C 131 -15.00 -2.82 -39.79
N GLN C 132 -14.65 -3.69 -38.85
CA GLN C 132 -13.93 -3.30 -37.64
C GLN C 132 -12.51 -2.81 -37.92
N GLU C 133 -11.82 -3.48 -38.84
CA GLU C 133 -10.48 -3.04 -39.25
C GLU C 133 -10.52 -1.64 -39.84
N GLU C 134 -11.51 -1.38 -40.69
CA GLU C 134 -11.67 -0.06 -41.31
C GLU C 134 -11.97 1.03 -40.28
N GLU C 135 -12.89 0.74 -39.35
CA GLU C 135 -13.23 1.66 -38.27
C GLU C 135 -12.01 1.97 -37.40
N GLY C 136 -11.21 0.94 -37.11
CA GLY C 136 -9.99 1.09 -36.31
C GLY C 136 -8.94 1.88 -37.05
N ARG C 137 -8.82 1.63 -38.35
CA ARG C 137 -7.90 2.38 -39.20
C ARG C 137 -8.25 3.87 -39.17
N LYS C 138 -9.54 4.18 -39.23
CA LYS C 138 -10.01 5.56 -39.16
C LYS C 138 -9.67 6.20 -37.80
N ARG C 139 -9.83 5.42 -36.72
CA ARG C 139 -9.52 5.91 -35.38
C ARG C 139 -8.03 6.17 -35.23
N TYR C 140 -7.22 5.29 -35.83
CA TYR C 140 -5.77 5.41 -35.86
C TYR C 140 -5.32 6.67 -36.58
N GLU C 141 -5.84 6.86 -37.80
CA GLU C 141 -5.55 8.08 -38.58
C GLU C 141 -5.97 9.35 -37.84
N ALA C 142 -7.08 9.30 -37.13
CA ALA C 142 -7.58 10.47 -36.39
C ALA C 142 -6.65 10.89 -35.25
N GLN C 143 -6.11 9.92 -34.51
CA GLN C 143 -5.14 10.26 -33.46
C GLN C 143 -3.76 10.61 -34.03
N LYS C 144 -3.38 10.00 -35.16
CA LYS C 144 -2.11 10.33 -35.80
C LYS C 144 -2.11 11.80 -36.22
N LEU C 145 -3.23 12.23 -36.79
CA LEU C 145 -3.42 13.62 -37.23
C LEU C 145 -3.47 14.60 -36.06
N GLU C 146 -4.23 14.24 -35.03
CA GLU C 146 -4.42 15.12 -33.87
C GLU C 146 -3.11 15.41 -33.15
N ARG C 147 -2.24 14.41 -33.08
CA ARG C 147 -0.93 14.56 -32.42
C ARG C 147 0.06 15.43 -33.21
N MET C 148 0.02 15.34 -34.53
CA MET C 148 0.74 16.28 -35.37
C MET C 148 -0.07 17.58 -35.45
N GLU C 149 -0.01 18.37 -34.38
CA GLU C 149 -0.86 19.57 -34.25
C GLU C 149 -0.61 20.64 -35.32
N ALA D 2 5.71 -10.72 15.63
CA ALA D 2 5.26 -9.50 14.96
C ALA D 2 4.00 -8.96 15.61
N MET D 3 3.89 -7.63 15.65
CA MET D 3 2.71 -6.98 16.22
C MET D 3 2.35 -5.74 15.39
N ARG D 4 1.14 -5.76 14.85
CA ARG D 4 0.65 -4.74 13.93
C ARG D 4 -0.79 -4.34 14.27
N ILE D 5 -1.07 -3.03 14.26
CA ILE D 5 -2.44 -2.51 14.38
C ILE D 5 -3.21 -2.80 13.09
N MET D 6 -4.40 -3.37 13.22
CA MET D 6 -5.25 -3.62 12.06
C MET D 6 -5.92 -2.34 11.55
N ARG D 7 -5.83 -2.13 10.24
CA ARG D 7 -6.28 -0.91 9.60
C ARG D 7 -7.53 -1.17 8.73
N PRO D 8 -8.27 -0.10 8.35
CA PRO D 8 -9.47 -0.29 7.52
C PRO D 8 -9.29 -1.16 6.28
N ASP D 9 -8.19 -0.98 5.55
CA ASP D 9 -7.95 -1.77 4.34
C ASP D 9 -7.65 -3.26 4.61
N ASP D 10 -7.43 -3.61 5.88
CA ASP D 10 -7.22 -4.99 6.31
C ASP D 10 -8.54 -5.72 6.51
N ALA D 11 -9.64 -4.98 6.45
CA ALA D 11 -10.95 -5.47 6.93
C ALA D 11 -12.07 -5.31 5.90
N ASN D 12 -13.10 -6.12 6.05
CA ASN D 12 -14.28 -6.01 5.20
C ASN D 12 -15.18 -4.85 5.63
N VAL D 13 -16.29 -4.68 4.91
CA VAL D 13 -17.27 -3.63 5.22
C VAL D 13 -17.83 -3.71 6.65
N ALA D 14 -17.74 -4.89 7.26
CA ALA D 14 -18.19 -5.09 8.64
C ALA D 14 -17.16 -4.67 9.70
N GLY D 15 -15.94 -4.35 9.28
CA GLY D 15 -14.87 -3.95 10.20
C GLY D 15 -14.05 -5.11 10.73
N ASN D 16 -14.31 -6.30 10.19
CA ASN D 16 -13.56 -7.50 10.57
C ASN D 16 -12.46 -7.79 9.58
N VAL D 17 -11.29 -8.07 10.12
CA VAL D 17 -10.10 -8.34 9.31
C VAL D 17 -10.34 -9.53 8.39
N HIS D 18 -9.92 -9.38 7.14
CA HIS D 18 -10.00 -10.44 6.14
C HIS D 18 -9.09 -11.59 6.53
N GLY D 19 -9.56 -12.80 6.32
CA GLY D 19 -8.70 -13.99 6.43
C GLY D 19 -7.41 -13.83 5.63
N GLY D 20 -7.50 -13.28 4.43
CA GLY D 20 -6.32 -13.07 3.55
C GLY D 20 -5.20 -12.25 4.18
N THR D 21 -5.59 -11.24 4.96
CA THR D 21 -4.64 -10.37 5.66
C THR D 21 -3.83 -11.16 6.71
N ILE D 22 -4.55 -11.93 7.50
CA ILE D 22 -3.96 -12.78 8.52
C ILE D 22 -3.08 -13.84 7.87
N LEU D 23 -3.57 -14.45 6.79
CA LEU D 23 -2.77 -15.45 6.05
C LEU D 23 -1.43 -14.87 5.56
N LYS D 24 -1.47 -13.67 5.02
CA LYS D 24 -0.24 -13.00 4.59
C LYS D 24 0.73 -12.78 5.78
N MET D 25 0.21 -12.32 6.93
CA MET D 25 1.08 -12.09 8.10
C MET D 25 1.71 -13.39 8.61
N ILE D 26 0.91 -14.45 8.61
CA ILE D 26 1.36 -15.77 9.03
C ILE D 26 2.52 -16.22 8.17
N GLU D 27 2.39 -16.08 6.86
CA GLU D 27 3.45 -16.48 5.95
C GLU D 27 4.71 -15.61 6.10
N GLU D 28 4.53 -14.31 6.34
CA GLU D 28 5.66 -13.42 6.64
C GLU D 28 6.50 -13.93 7.84
N ALA D 29 5.81 -14.27 8.93
CA ALA D 29 6.46 -14.82 10.12
C ALA D 29 7.21 -16.12 9.82
N GLY D 30 6.57 -17.00 9.04
CA GLY D 30 7.16 -18.28 8.65
C GLY D 30 8.39 -18.12 7.77
N ALA D 31 8.33 -17.17 6.84
CA ALA D 31 9.44 -16.88 5.91
C ALA D 31 10.69 -16.41 6.66
N ILE D 32 10.51 -15.49 7.60
CA ILE D 32 11.61 -14.94 8.38
C ILE D 32 12.29 -16.05 9.20
N ILE D 33 11.50 -16.79 9.96
CA ILE D 33 12.07 -17.75 10.90
C ILE D 33 12.78 -18.88 10.15
N SER D 34 12.18 -19.30 9.03
CA SER D 34 12.72 -20.40 8.26
C SER D 34 13.99 -19.99 7.49
N THR D 35 13.98 -18.79 6.88
CA THR D 35 15.15 -18.29 6.16
C THR D 35 16.33 -18.11 7.12
N ARG D 36 16.10 -17.48 8.27
CA ARG D 36 17.16 -17.29 9.24
C ARG D 36 17.75 -18.66 9.61
N HIS D 37 16.89 -19.64 9.90
CA HIS D 37 17.37 -20.95 10.29
C HIS D 37 18.21 -21.66 9.22
N CYS D 38 17.76 -21.60 7.97
CA CYS D 38 18.42 -22.28 6.86
C CYS D 38 19.76 -21.64 6.47
N ASN D 39 20.02 -20.43 7.00
CA ASN D 39 21.31 -19.78 6.84
C ASN D 39 22.16 -19.78 8.12
N SER D 40 21.65 -20.43 9.16
CA SER D 40 22.22 -20.32 10.51
C SER D 40 23.55 -21.06 10.70
N GLN D 41 23.92 -21.87 9.70
CA GLN D 41 25.17 -22.64 9.78
C GLN D 41 26.15 -22.27 8.67
N ASN D 42 25.97 -21.07 8.12
CA ASN D 42 26.80 -20.55 7.02
C ASN D 42 26.87 -21.48 5.79
N GLY D 43 25.76 -22.13 5.49
CA GLY D 43 25.64 -22.89 4.26
C GLY D 43 25.52 -21.95 3.07
N GLU D 44 25.28 -22.50 1.89
CA GLU D 44 25.02 -21.73 0.69
C GLU D 44 23.86 -20.76 0.98
N ARG D 45 24.01 -19.50 0.59
CA ARG D 45 22.97 -18.49 0.85
C ARG D 45 21.67 -18.89 0.16
N CYS D 46 20.59 -18.83 0.93
CA CYS D 46 19.30 -19.33 0.47
C CYS D 46 18.15 -18.52 1.06
N VAL D 47 16.96 -18.74 0.49
CA VAL D 47 15.72 -18.17 1.01
C VAL D 47 14.70 -19.30 1.06
N ALA D 48 13.95 -19.34 2.15
CA ALA D 48 12.92 -20.36 2.33
C ALA D 48 11.69 -20.03 1.50
N ALA D 49 11.20 -21.01 0.75
CA ALA D 49 9.98 -20.84 -0.04
C ALA D 49 8.85 -21.64 0.58
N LEU D 50 7.63 -21.10 0.57
CA LEU D 50 6.48 -21.80 1.11
C LEU D 50 6.08 -22.98 0.22
N ALA D 51 6.07 -24.18 0.81
CA ALA D 51 5.69 -25.39 0.07
C ALA D 51 4.25 -25.83 0.38
N ARG D 52 3.84 -25.65 1.63
CA ARG D 52 2.58 -26.20 2.11
C ARG D 52 1.99 -25.39 3.26
N VAL D 53 0.67 -25.19 3.20
CA VAL D 53 -0.08 -24.65 4.32
C VAL D 53 -0.97 -25.79 4.78
N GLU D 54 -0.86 -26.19 6.04
CA GLU D 54 -1.75 -27.21 6.60
C GLU D 54 -3.13 -26.61 6.83
N ARG D 55 -4.13 -27.48 6.96
CA ARG D 55 -5.49 -27.04 7.35
C ARG D 55 -5.43 -26.10 8.55
N THR D 56 -6.20 -25.02 8.48
CA THR D 56 -6.30 -24.08 9.60
C THR D 56 -7.71 -23.51 9.73
N ASP D 57 -8.15 -23.36 10.99
CA ASP D 57 -9.46 -22.81 11.30
C ASP D 57 -9.33 -21.44 11.93
N PHE D 58 -10.19 -20.53 11.51
CA PHE D 58 -10.27 -19.20 12.11
C PHE D 58 -11.36 -19.17 13.17
N LEU D 59 -10.93 -18.96 14.41
CA LEU D 59 -11.74 -19.20 15.60
C LEU D 59 -12.51 -17.98 16.05
N SER D 60 -11.90 -16.82 15.89
CA SER D 60 -12.47 -15.58 16.38
C SER D 60 -12.11 -14.44 15.44
N PRO D 61 -13.02 -13.46 15.33
CA PRO D 61 -12.73 -12.35 14.42
C PRO D 61 -11.70 -11.40 15.05
N MET D 62 -11.04 -10.63 14.20
CA MET D 62 -10.18 -9.55 14.62
C MET D 62 -10.76 -8.29 13.98
N CYS D 63 -10.72 -7.18 14.73
CA CYS D 63 -11.37 -5.95 14.29
C CYS D 63 -10.35 -4.84 14.00
N ILE D 64 -10.74 -3.89 13.17
CA ILE D 64 -9.96 -2.67 12.97
C ILE D 64 -9.62 -2.07 14.32
N GLY D 65 -8.37 -1.68 14.50
CA GLY D 65 -7.93 -1.03 15.72
C GLY D 65 -7.34 -2.01 16.74
N GLU D 66 -7.64 -3.29 16.56
CA GLU D 66 -7.02 -4.33 17.38
C GLU D 66 -5.61 -4.63 16.90
N VAL D 67 -4.79 -5.16 17.80
CA VAL D 67 -3.40 -5.47 17.49
C VAL D 67 -3.24 -6.97 17.22
N ALA D 68 -2.78 -7.31 16.02
CA ALA D 68 -2.45 -8.70 15.68
C ALA D 68 -1.05 -9.03 16.19
N HIS D 69 -0.97 -10.07 17.02
CA HIS D 69 0.31 -10.60 17.50
C HIS D 69 0.54 -11.88 16.73
N VAL D 70 1.68 -11.98 16.04
CA VAL D 70 1.99 -13.16 15.24
C VAL D 70 3.32 -13.74 15.73
N SER D 71 3.27 -15.00 16.17
CA SER D 71 4.46 -15.65 16.71
C SER D 71 4.69 -16.96 16.00
N ALA D 72 5.95 -17.27 15.74
CA ALA D 72 6.31 -18.47 15.01
C ALA D 72 7.39 -19.26 15.74
N GLU D 73 7.36 -20.57 15.54
CA GLU D 73 8.34 -21.47 16.11
C GLU D 73 8.60 -22.59 15.13
N ILE D 74 9.87 -22.92 14.90
CA ILE D 74 10.24 -24.09 14.10
C ILE D 74 10.06 -25.30 14.98
N THR D 75 9.17 -26.19 14.54
CA THR D 75 8.76 -27.35 15.33
C THR D 75 9.35 -28.66 14.81
N TYR D 76 9.88 -28.63 13.59
CA TYR D 76 10.56 -29.79 13.03
C TYR D 76 11.38 -29.39 11.81
N THR D 77 12.49 -30.11 11.59
CA THR D 77 13.22 -30.03 10.33
C THR D 77 13.52 -31.42 9.81
N SER D 78 13.28 -31.61 8.50
CA SER D 78 13.70 -32.82 7.81
C SER D 78 15.01 -32.53 7.07
N LYS D 79 15.44 -33.42 6.17
CA LYS D 79 16.69 -33.18 5.44
C LYS D 79 16.64 -31.89 4.62
N HIS D 80 15.51 -31.66 3.94
CA HIS D 80 15.37 -30.48 3.08
C HIS D 80 14.14 -29.61 3.35
N SER D 81 13.48 -29.79 4.49
CA SER D 81 12.31 -28.96 4.80
C SER D 81 12.19 -28.53 6.26
N VAL D 82 11.42 -27.46 6.47
CA VAL D 82 11.23 -26.85 7.79
C VAL D 82 9.75 -26.78 8.10
N GLU D 83 9.37 -27.28 9.27
CA GLU D 83 7.99 -27.15 9.73
C GLU D 83 7.90 -25.99 10.71
N VAL D 84 6.93 -25.10 10.48
CA VAL D 84 6.77 -23.91 11.31
C VAL D 84 5.34 -23.86 11.84
N GLN D 85 5.20 -23.66 13.15
CA GLN D 85 3.90 -23.39 13.75
C GLN D 85 3.78 -21.90 14.03
N VAL D 86 2.69 -21.31 13.57
CA VAL D 86 2.45 -19.88 13.77
C VAL D 86 1.18 -19.70 14.57
N HIS D 87 1.23 -18.85 15.60
CA HIS D 87 0.03 -18.47 16.35
C HIS D 87 -0.29 -17.01 16.08
N VAL D 88 -1.57 -16.74 15.89
CA VAL D 88 -2.07 -15.37 15.77
C VAL D 88 -3.08 -15.09 16.89
N MET D 89 -2.79 -14.03 17.64
CA MET D 89 -3.66 -13.57 18.72
C MET D 89 -4.09 -12.13 18.40
N SER D 90 -5.32 -11.80 18.72
CA SER D 90 -5.78 -10.42 18.63
C SER D 90 -5.72 -9.84 20.02
N GLU D 91 -5.25 -8.60 20.14
CA GLU D 91 -5.30 -7.87 21.40
C GLU D 91 -6.06 -6.59 21.19
N ASN D 92 -7.11 -6.41 21.98
CA ASN D 92 -7.78 -5.13 22.05
C ASN D 92 -7.06 -4.32 23.10
N ILE D 93 -6.41 -3.23 22.69
CA ILE D 93 -5.62 -2.41 23.63
C ILE D 93 -6.43 -1.35 24.39
N LEU D 94 -7.73 -1.27 24.10
CA LEU D 94 -8.64 -0.42 24.87
C LEU D 94 -9.23 -1.22 26.03
N THR D 95 -9.70 -2.42 25.70
CA THR D 95 -10.39 -3.26 26.67
C THR D 95 -9.41 -4.18 27.41
N GLY D 96 -8.31 -4.52 26.73
CA GLY D 96 -7.31 -5.44 27.28
C GLY D 96 -7.48 -6.87 26.80
N THR D 97 -8.62 -7.15 26.17
CA THR D 97 -9.03 -8.51 25.82
C THR D 97 -8.14 -9.11 24.74
N LYS D 98 -7.66 -10.33 25.00
CA LYS D 98 -6.86 -11.09 24.04
C LYS D 98 -7.59 -12.36 23.64
N LYS D 99 -7.52 -12.71 22.35
CA LYS D 99 -8.20 -13.89 21.82
C LYS D 99 -7.31 -14.61 20.85
N LEU D 100 -7.40 -15.94 20.82
CA LEU D 100 -6.71 -16.72 19.80
C LEU D 100 -7.47 -16.65 18.48
N THR D 101 -6.84 -16.08 17.47
CA THR D 101 -7.44 -15.96 16.16
C THR D 101 -7.29 -17.25 15.37
N ASN D 102 -6.05 -17.76 15.35
CA ASN D 102 -5.65 -18.82 14.43
C ASN D 102 -4.37 -19.50 14.93
N LYS D 103 -4.25 -20.80 14.68
CA LYS D 103 -2.99 -21.50 14.73
C LYS D 103 -2.80 -22.16 13.36
N ALA D 104 -1.63 -21.97 12.76
CA ALA D 104 -1.35 -22.58 11.45
C ALA D 104 0.00 -23.27 11.45
N THR D 105 0.10 -24.33 10.66
CA THR D 105 1.37 -25.00 10.43
C THR D 105 1.74 -24.84 8.96
N LEU D 106 3.00 -24.47 8.73
CA LEU D 106 3.52 -24.25 7.38
C LEU D 106 4.78 -25.06 7.15
N TRP D 107 5.01 -25.47 5.90
CA TRP D 107 6.27 -26.12 5.52
C TRP D 107 7.03 -25.28 4.51
N TYR D 108 8.31 -25.05 4.81
CA TYR D 108 9.20 -24.31 3.92
C TYR D 108 10.35 -25.18 3.44
N VAL D 109 10.86 -24.83 2.26
CA VAL D 109 12.01 -25.50 1.66
C VAL D 109 13.02 -24.43 1.24
N PRO D 110 14.29 -24.57 1.68
CA PRO D 110 15.28 -23.55 1.30
C PRO D 110 15.78 -23.73 -0.14
N LEU D 111 15.76 -22.62 -0.89
CA LEU D 111 16.22 -22.59 -2.26
C LEU D 111 17.43 -21.67 -2.36
N SER D 112 18.47 -22.15 -3.01
CA SER D 112 19.69 -21.36 -3.22
C SER D 112 19.35 -20.01 -3.89
N LEU D 113 19.99 -18.95 -3.40
CA LEU D 113 19.90 -17.65 -4.03
C LEU D 113 20.53 -17.66 -5.43
N LYS D 114 21.60 -18.44 -5.60
CA LYS D 114 22.33 -18.52 -6.87
C LYS D 114 21.62 -19.40 -7.88
N ASN D 115 20.79 -20.30 -7.38
CA ASN D 115 20.12 -21.31 -8.20
C ASN D 115 18.76 -21.68 -7.58
N VAL D 116 17.69 -21.12 -8.14
CA VAL D 116 16.33 -21.26 -7.62
C VAL D 116 15.83 -22.71 -7.59
N ASP D 117 16.41 -23.55 -8.46
CA ASP D 117 16.02 -24.94 -8.54
C ASP D 117 16.81 -25.86 -7.61
N LYS D 118 17.77 -25.29 -6.88
CA LYS D 118 18.59 -26.09 -5.96
C LYS D 118 18.02 -26.05 -4.54
N VAL D 119 17.48 -27.17 -4.11
CA VAL D 119 17.00 -27.33 -2.74
C VAL D 119 18.19 -27.64 -1.84
N LEU D 120 18.31 -26.89 -0.75
CA LEU D 120 19.44 -27.08 0.16
C LEU D 120 19.07 -27.92 1.36
N GLU D 121 20.09 -28.48 2.01
CA GLU D 121 19.89 -29.21 3.26
C GLU D 121 19.62 -28.25 4.40
N VAL D 122 18.71 -28.64 5.28
CA VAL D 122 18.31 -27.79 6.42
C VAL D 122 19.10 -28.18 7.66
N PRO D 123 19.74 -27.20 8.35
CA PRO D 123 20.43 -27.50 9.60
C PRO D 123 19.47 -28.11 10.65
N PRO D 124 19.97 -28.96 11.55
CA PRO D 124 19.06 -29.49 12.57
C PRO D 124 18.67 -28.43 13.61
N ILE D 125 17.50 -28.57 14.21
CA ILE D 125 17.14 -27.75 15.36
C ILE D 125 17.36 -28.53 16.66
N VAL D 126 17.49 -27.80 17.76
CA VAL D 126 17.56 -28.40 19.08
C VAL D 126 16.14 -28.45 19.64
N TYR D 127 15.74 -29.61 20.14
CA TYR D 127 14.40 -29.82 20.68
C TYR D 127 14.42 -29.69 22.20
N LEU D 128 13.54 -28.85 22.74
CA LEU D 128 13.44 -28.64 24.18
C LEU D 128 13.01 -29.92 24.89
N ARG D 129 12.10 -30.66 24.25
CA ARG D 129 11.66 -31.98 24.71
C ARG D 129 11.95 -33.02 23.63
N GLN D 130 12.36 -34.22 24.05
CA GLN D 130 12.63 -35.32 23.13
C GLN D 130 11.39 -35.72 22.33
N GLU D 131 10.25 -35.77 23.02
CA GLU D 131 8.95 -36.12 22.44
C GLU D 131 8.54 -35.25 21.25
N GLN D 132 9.05 -34.02 21.20
CA GLN D 132 8.75 -33.06 20.14
C GLN D 132 9.32 -33.46 18.78
N GLU D 133 10.55 -33.99 18.78
CA GLU D 133 11.19 -34.46 17.55
C GLU D 133 10.43 -35.66 16.95
N GLU D 134 10.05 -36.59 17.83
CA GLU D 134 9.31 -37.78 17.44
C GLU D 134 7.95 -37.41 16.86
N GLU D 135 7.28 -36.44 17.48
CA GLU D 135 6.00 -35.92 17.00
C GLU D 135 6.11 -35.22 15.65
N GLY D 136 7.14 -34.40 15.49
CA GLY D 136 7.43 -33.73 14.22
C GLY D 136 7.78 -34.71 13.11
N ARG D 137 8.55 -35.75 13.47
CA ARG D 137 8.95 -36.81 12.53
C ARG D 137 7.74 -37.56 11.97
N LYS D 138 6.77 -37.86 12.84
CA LYS D 138 5.53 -38.54 12.45
C LYS D 138 4.69 -37.70 11.48
N ARG D 139 4.58 -36.40 11.75
CA ARG D 139 3.86 -35.49 10.86
C ARG D 139 4.55 -35.40 9.49
N TYR D 140 5.87 -35.28 9.50
CA TYR D 140 6.67 -35.22 8.28
C TYR D 140 6.45 -36.44 7.37
N GLU D 141 6.52 -37.63 7.96
CA GLU D 141 6.35 -38.86 7.18
C GLU D 141 4.94 -39.03 6.61
N ALA D 142 3.93 -38.65 7.40
CA ALA D 142 2.53 -38.75 6.97
C ALA D 142 2.23 -37.84 5.77
N GLN D 143 2.82 -36.65 5.75
CA GLN D 143 2.62 -35.72 4.63
C GLN D 143 3.45 -36.09 3.40
N LYS D 144 4.67 -36.58 3.64
CA LYS D 144 5.56 -37.06 2.59
C LYS D 144 4.97 -38.26 1.87
N LEU D 145 4.32 -39.14 2.63
CA LEU D 145 3.65 -40.29 2.06
C LEU D 145 2.35 -39.91 1.35
N GLU D 146 1.71 -38.84 1.81
CA GLU D 146 0.48 -38.36 1.17
C GLU D 146 0.74 -37.82 -0.24
N ARG D 147 1.88 -37.16 -0.42
CA ARG D 147 2.24 -36.57 -1.71
C ARG D 147 2.69 -37.63 -2.72
N MET D 148 1.70 -38.25 -3.36
CA MET D 148 1.93 -39.26 -4.41
C MET D 148 1.21 -38.88 -5.70
N GLU D 149 0.01 -38.38 -5.57
CA GLU D 149 -0.74 -38.17 -6.77
C GLU D 149 -0.99 -39.55 -7.42
N ALA E 2 8.12 -5.58 17.52
CA ALA E 2 7.67 -5.68 16.11
C ALA E 2 8.81 -6.08 15.18
N MET E 3 8.49 -6.93 14.22
CA MET E 3 9.48 -7.45 13.28
C MET E 3 8.89 -7.38 11.88
N ARG E 4 9.64 -6.84 10.94
CA ARG E 4 9.21 -6.79 9.53
C ARG E 4 10.40 -6.83 8.58
N ILE E 5 10.30 -7.65 7.53
CA ILE E 5 11.31 -7.65 6.48
C ILE E 5 11.18 -6.39 5.60
N MET E 6 12.33 -5.81 5.28
CA MET E 6 12.39 -4.60 4.46
C MET E 6 12.18 -4.96 2.97
N ARG E 7 11.29 -4.24 2.33
CA ARG E 7 10.87 -4.51 0.95
C ARG E 7 11.34 -3.40 0.02
N PRO E 8 11.35 -3.64 -1.30
CA PRO E 8 11.74 -2.64 -2.30
C PRO E 8 11.12 -1.25 -2.07
N ASP E 9 9.82 -1.19 -1.81
CA ASP E 9 9.17 0.11 -1.58
C ASP E 9 9.61 0.85 -0.28
N ASP E 10 10.26 0.14 0.64
CA ASP E 10 10.83 0.74 1.86
C ASP E 10 12.17 1.45 1.62
N ALA E 11 12.74 1.26 0.44
CA ALA E 11 14.12 1.65 0.19
C ALA E 11 14.33 2.50 -1.06
N ASN E 12 15.50 3.13 -1.14
CA ASN E 12 15.88 3.88 -2.33
C ASN E 12 16.40 2.97 -3.45
N VAL E 13 16.85 3.57 -4.55
CA VAL E 13 17.26 2.81 -5.74
C VAL E 13 18.42 1.85 -5.47
N ALA E 14 19.30 2.25 -4.55
CA ALA E 14 20.45 1.44 -4.12
C ALA E 14 20.09 0.33 -3.12
N GLY E 15 18.86 0.35 -2.62
CA GLY E 15 18.37 -0.68 -1.71
C GLY E 15 18.49 -0.35 -0.23
N ASN E 16 18.86 0.89 0.07
CA ASN E 16 18.92 1.37 1.46
C ASN E 16 17.60 1.95 1.94
N VAL E 17 17.17 1.52 3.11
CA VAL E 17 15.86 1.87 3.66
C VAL E 17 15.77 3.37 3.98
N HIS E 18 14.67 3.99 3.54
CA HIS E 18 14.38 5.38 3.84
C HIS E 18 14.14 5.56 5.34
N GLY E 19 14.65 6.66 5.89
CA GLY E 19 14.42 6.98 7.30
C GLY E 19 12.94 7.02 7.65
N GLY E 20 12.14 7.54 6.71
CA GLY E 20 10.69 7.65 6.92
C GLY E 20 10.01 6.32 7.22
N THR E 21 10.47 5.26 6.58
CA THR E 21 9.95 3.91 6.78
C THR E 21 10.18 3.49 8.24
N ILE E 22 11.37 3.74 8.75
CA ILE E 22 11.72 3.39 10.13
C ILE E 22 10.97 4.29 11.12
N LEU E 23 10.91 5.59 10.84
CA LEU E 23 10.12 6.52 11.66
C LEU E 23 8.67 6.03 11.82
N LYS E 24 8.08 5.59 10.72
CA LYS E 24 6.71 5.05 10.76
C LYS E 24 6.61 3.83 11.70
N MET E 25 7.57 2.91 11.60
CA MET E 25 7.60 1.71 12.44
C MET E 25 7.78 2.06 13.91
N ILE E 26 8.69 2.99 14.18
CA ILE E 26 8.95 3.50 15.53
C ILE E 26 7.67 4.03 16.16
N GLU E 27 6.94 4.88 15.42
CA GLU E 27 5.73 5.50 15.93
C GLU E 27 4.62 4.46 16.20
N GLU E 28 4.49 3.49 15.29
CA GLU E 28 3.55 2.37 15.47
C GLU E 28 3.79 1.65 16.81
N ALA E 29 5.04 1.31 17.10
CA ALA E 29 5.43 0.69 18.38
C ALA E 29 5.09 1.57 19.58
N GLY E 30 5.42 2.86 19.49
CA GLY E 30 5.12 3.82 20.54
C GLY E 30 3.63 4.00 20.80
N ALA E 31 2.85 4.00 19.73
CA ALA E 31 1.39 4.20 19.79
C ALA E 31 0.72 3.02 20.50
N ILE E 32 1.12 1.81 20.14
CA ILE E 32 0.60 0.61 20.77
C ILE E 32 0.87 0.59 22.27
N ILE E 33 2.13 0.78 22.66
CA ILE E 33 2.52 0.60 24.06
C ILE E 33 1.91 1.68 24.96
N SER E 34 1.85 2.91 24.45
CA SER E 34 1.28 4.04 25.18
C SER E 34 -0.26 3.93 25.29
N THR E 35 -0.93 3.55 24.20
CA THR E 35 -2.39 3.34 24.22
C THR E 35 -2.81 2.24 25.19
N ARG E 36 -2.15 1.08 25.11
CA ARG E 36 -2.42 0.00 26.07
C ARG E 36 -2.30 0.47 27.51
N HIS E 37 -1.19 1.15 27.83
CA HIS E 37 -0.97 1.64 29.19
C HIS E 37 -2.03 2.63 29.67
N CYS E 38 -2.40 3.57 28.81
CA CYS E 38 -3.37 4.60 29.19
C CYS E 38 -4.78 4.06 29.38
N ASN E 39 -5.03 2.85 28.86
CA ASN E 39 -6.30 2.15 29.09
C ASN E 39 -6.18 1.03 30.12
N SER E 40 -5.00 0.89 30.73
CA SER E 40 -4.70 -0.27 31.59
C SER E 40 -5.48 -0.29 32.90
N GLN E 41 -6.02 0.86 33.30
CA GLN E 41 -6.79 0.92 34.55
C GLN E 41 -8.29 1.10 34.28
N ASN E 42 -8.70 0.83 33.04
CA ASN E 42 -10.09 0.95 32.61
C ASN E 42 -10.67 2.35 32.88
N GLY E 43 -9.85 3.35 32.60
CA GLY E 43 -10.32 4.71 32.60
C GLY E 43 -11.19 4.93 31.39
N GLU E 44 -11.56 6.18 31.16
CA GLU E 44 -12.22 6.57 29.93
C GLU E 44 -11.42 6.05 28.76
N ARG E 45 -12.11 5.42 27.80
CA ARG E 45 -11.44 4.83 26.64
C ARG E 45 -10.72 5.90 25.83
N CYS E 46 -9.46 5.62 25.48
CA CYS E 46 -8.60 6.62 24.87
C CYS E 46 -7.61 6.01 23.86
N VAL E 47 -7.01 6.89 23.07
CA VAL E 47 -5.91 6.51 22.19
C VAL E 47 -4.79 7.52 22.43
N ALA E 48 -3.57 7.01 22.60
CA ALA E 48 -2.40 7.87 22.77
C ALA E 48 -1.94 8.47 21.44
N ALA E 49 -1.87 9.80 21.40
CA ALA E 49 -1.44 10.54 20.22
C ALA E 49 0.01 10.97 20.36
N LEU E 50 0.77 10.89 19.27
CA LEU E 50 2.16 11.33 19.28
C LEU E 50 2.22 12.84 19.45
N ALA E 51 2.98 13.29 20.44
CA ALA E 51 3.10 14.71 20.70
C ALA E 51 4.49 15.24 20.35
N ARG E 52 5.50 14.39 20.51
CA ARG E 52 6.87 14.81 20.31
C ARG E 52 7.80 13.66 19.96
N VAL E 53 8.72 13.91 19.02
CA VAL E 53 9.89 13.05 18.84
C VAL E 53 11.11 13.81 19.38
N GLU E 54 11.80 13.22 20.35
CA GLU E 54 13.07 13.77 20.88
C GLU E 54 14.18 13.51 19.87
N ARG E 55 15.34 14.11 20.09
CA ARG E 55 16.47 13.90 19.18
C ARG E 55 16.77 12.40 18.99
N THR E 56 16.42 11.89 17.80
CA THR E 56 16.71 10.50 17.42
C THR E 56 17.80 10.45 16.35
N ASP E 57 18.74 9.53 16.52
CA ASP E 57 19.88 9.42 15.62
C ASP E 57 19.87 8.10 14.87
N PHE E 58 20.09 8.17 13.55
CA PHE E 58 20.23 6.98 12.73
C PHE E 58 21.70 6.65 12.56
N LEU E 59 22.09 5.50 13.11
CA LEU E 59 23.49 5.14 13.31
C LEU E 59 24.10 4.33 12.18
N SER E 60 23.26 3.55 11.50
CA SER E 60 23.73 2.68 10.43
C SER E 60 22.59 2.39 9.44
N PRO E 61 22.94 2.12 8.16
CA PRO E 61 21.91 1.86 7.17
C PRO E 61 21.25 0.49 7.34
N MET E 62 20.06 0.36 6.78
CA MET E 62 19.36 -0.92 6.69
C MET E 62 19.07 -1.17 5.21
N CYS E 63 19.05 -2.43 4.80
CA CYS E 63 18.88 -2.77 3.40
C CYS E 63 17.66 -3.64 3.15
N ILE E 64 17.18 -3.63 1.90
CA ILE E 64 16.14 -4.56 1.47
C ILE E 64 16.55 -5.98 1.86
N GLY E 65 15.60 -6.73 2.39
CA GLY E 65 15.84 -8.11 2.76
C GLY E 65 16.23 -8.28 4.22
N GLU E 66 16.71 -7.21 4.84
CA GLU E 66 17.02 -7.26 6.27
C GLU E 66 15.75 -7.16 7.09
N VAL E 67 15.79 -7.71 8.30
CA VAL E 67 14.65 -7.67 9.21
C VAL E 67 14.82 -6.55 10.22
N ALA E 68 13.83 -5.65 10.26
CA ALA E 68 13.77 -4.59 11.26
C ALA E 68 13.10 -5.09 12.53
N HIS E 69 13.81 -4.96 13.64
CA HIS E 69 13.29 -5.30 14.98
C HIS E 69 13.06 -4.01 15.77
N VAL E 70 11.80 -3.78 16.14
CA VAL E 70 11.43 -2.56 16.86
C VAL E 70 10.92 -2.92 18.26
N SER E 71 11.56 -2.36 19.28
CA SER E 71 11.17 -2.60 20.66
C SER E 71 10.94 -1.28 21.40
N ALA E 72 9.88 -1.24 22.19
CA ALA E 72 9.46 -0.03 22.89
C ALA E 72 9.39 -0.28 24.40
N GLU E 73 9.68 0.75 25.18
CA GLU E 73 9.55 0.73 26.62
C GLU E 73 9.05 2.08 27.14
N ILE E 74 8.06 2.06 28.01
CA ILE E 74 7.63 3.27 28.70
C ILE E 74 8.62 3.55 29.82
N THR E 75 9.28 4.70 29.74
CA THR E 75 10.37 5.01 30.66
C THR E 75 10.01 6.08 31.71
N TYR E 76 9.00 6.89 31.41
CA TYR E 76 8.50 7.91 32.35
C TYR E 76 7.06 8.25 32.04
N THR E 77 6.31 8.59 33.10
CA THR E 77 4.98 9.17 32.93
C THR E 77 4.86 10.43 33.79
N SER E 78 4.30 11.48 33.19
CA SER E 78 3.93 12.67 33.92
C SER E 78 2.43 12.57 34.17
N LYS E 79 1.81 13.65 34.63
CA LYS E 79 0.38 13.62 34.88
C LYS E 79 -0.46 13.29 33.63
N HIS E 80 -0.06 13.83 32.48
CA HIS E 80 -0.82 13.67 31.23
C HIS E 80 0.00 13.25 30.01
N SER E 81 1.23 12.78 30.22
CA SER E 81 2.05 12.29 29.09
C SER E 81 2.87 11.05 29.41
N VAL E 82 3.32 10.38 28.34
CA VAL E 82 4.04 9.13 28.41
C VAL E 82 5.32 9.27 27.59
N GLU E 83 6.47 9.01 28.22
CA GLU E 83 7.75 8.98 27.50
C GLU E 83 8.03 7.53 27.10
N VAL E 84 8.29 7.32 25.81
CA VAL E 84 8.56 5.98 25.28
C VAL E 84 9.93 6.01 24.60
N GLN E 85 10.80 5.10 25.01
CA GLN E 85 12.06 4.88 24.31
C GLN E 85 11.94 3.69 23.40
N VAL E 86 12.35 3.88 22.14
CA VAL E 86 12.23 2.85 21.10
C VAL E 86 13.62 2.54 20.56
N HIS E 87 13.91 1.24 20.43
CA HIS E 87 15.15 0.78 19.82
C HIS E 87 14.83 0.06 18.53
N VAL E 88 15.61 0.34 17.49
CA VAL E 88 15.49 -0.36 16.22
C VAL E 88 16.80 -1.08 15.94
N MET E 89 16.69 -2.38 15.70
CA MET E 89 17.83 -3.22 15.38
C MET E 89 17.61 -3.84 13.99
N SER E 90 18.64 -3.82 13.17
CA SER E 90 18.60 -4.50 11.87
C SER E 90 19.20 -5.88 11.99
N GLU E 91 18.53 -6.87 11.41
CA GLU E 91 19.06 -8.22 11.37
C GLU E 91 19.14 -8.72 9.94
N ASN E 92 20.35 -9.06 9.55
CA ASN E 92 20.57 -9.75 8.28
C ASN E 92 20.37 -11.24 8.56
N ILE E 93 19.30 -11.81 8.02
CA ILE E 93 18.98 -13.22 8.32
C ILE E 93 19.74 -14.19 7.41
N LEU E 94 20.43 -13.64 6.42
CA LEU E 94 21.33 -14.42 5.59
C LEU E 94 22.70 -14.57 6.26
N THR E 95 23.20 -13.50 6.86
CA THR E 95 24.55 -13.52 7.46
C THR E 95 24.56 -13.68 8.98
N GLY E 96 23.45 -13.33 9.62
CA GLY E 96 23.36 -13.36 11.09
C GLY E 96 23.67 -12.04 11.77
N THR E 97 24.21 -11.08 11.01
CA THR E 97 24.63 -9.78 11.56
C THR E 97 23.46 -8.94 12.09
N LYS E 98 23.62 -8.45 13.31
CA LYS E 98 22.67 -7.52 13.93
C LYS E 98 23.33 -6.18 14.24
N LYS E 99 22.65 -5.10 13.91
CA LYS E 99 23.17 -3.74 14.13
C LYS E 99 22.12 -2.89 14.82
N LEU E 100 22.56 -2.03 15.75
CA LEU E 100 21.65 -1.00 16.26
C LEU E 100 21.50 0.06 15.19
N THR E 101 20.27 0.23 14.71
CA THR E 101 19.95 1.18 13.65
C THR E 101 19.62 2.53 14.24
N ASN E 102 18.82 2.51 15.30
CA ASN E 102 18.21 3.73 15.82
C ASN E 102 17.86 3.61 17.31
N LYS E 103 18.05 4.69 18.05
CA LYS E 103 17.43 4.87 19.35
C LYS E 103 16.56 6.13 19.25
N ALA E 104 15.32 6.03 19.71
CA ALA E 104 14.41 7.18 19.66
C ALA E 104 13.67 7.34 20.98
N THR E 105 13.37 8.58 21.33
CA THR E 105 12.48 8.86 22.46
C THR E 105 11.27 9.67 21.98
N LEU E 106 10.09 9.19 22.36
CA LEU E 106 8.83 9.76 21.92
C LEU E 106 8.00 10.16 23.12
N TRP E 107 7.14 11.16 22.94
CA TRP E 107 6.19 11.53 23.98
C TRP E 107 4.77 11.42 23.43
N TYR E 108 3.91 10.74 24.17
CA TYR E 108 2.50 10.55 23.82
C TYR E 108 1.56 11.16 24.86
N VAL E 109 0.38 11.57 24.39
CA VAL E 109 -0.68 12.08 25.27
C VAL E 109 -1.97 11.30 24.99
N PRO E 110 -2.61 10.77 26.05
CA PRO E 110 -3.87 10.06 25.83
C PRO E 110 -5.03 11.03 25.55
N LEU E 111 -5.77 10.76 24.49
CA LEU E 111 -6.96 11.52 24.15
C LEU E 111 -8.18 10.60 24.12
N SER E 112 -9.27 11.04 24.75
CA SER E 112 -10.53 10.31 24.78
C SER E 112 -11.05 10.00 23.37
N LEU E 113 -11.54 8.77 23.18
CA LEU E 113 -12.11 8.37 21.90
C LEU E 113 -13.47 9.01 21.65
N LYS E 114 -14.30 9.03 22.68
CA LYS E 114 -15.65 9.60 22.62
C LYS E 114 -15.58 11.14 22.61
N ASN E 115 -14.79 11.69 23.52
CA ASN E 115 -14.64 13.14 23.67
C ASN E 115 -13.42 13.65 22.90
N VAL E 116 -13.68 14.07 21.66
CA VAL E 116 -12.65 14.31 20.63
C VAL E 116 -11.23 14.64 21.13
N ASP E 117 -11.05 15.82 21.75
CA ASP E 117 -9.71 16.26 22.12
C ASP E 117 -9.51 16.41 23.63
N LYS E 118 -10.16 15.53 24.39
CA LYS E 118 -10.05 15.54 25.84
C LYS E 118 -8.79 14.82 26.31
N VAL E 119 -7.83 15.57 26.85
CA VAL E 119 -6.59 15.04 27.43
C VAL E 119 -6.92 14.30 28.74
N LEU E 120 -6.47 13.05 28.85
CA LEU E 120 -6.73 12.25 30.05
C LEU E 120 -5.50 12.11 30.94
N GLU E 121 -5.73 11.72 32.19
CA GLU E 121 -4.64 11.46 33.13
C GLU E 121 -4.00 10.11 32.82
N VAL E 122 -2.67 10.08 32.84
CA VAL E 122 -1.90 8.86 32.59
C VAL E 122 -1.73 8.08 33.90
N PRO E 123 -2.10 6.78 33.91
CA PRO E 123 -1.81 5.96 35.09
C PRO E 123 -0.30 5.98 35.40
N PRO E 124 0.09 6.15 36.67
CA PRO E 124 1.51 6.07 37.00
C PRO E 124 2.12 4.71 36.62
N ILE E 125 3.38 4.72 36.21
CA ILE E 125 4.11 3.48 35.94
C ILE E 125 4.88 3.00 37.15
N VAL E 126 5.09 1.69 37.21
CA VAL E 126 5.95 1.08 38.22
C VAL E 126 7.41 1.25 37.83
N TYR E 127 8.20 1.73 38.77
CA TYR E 127 9.64 1.83 38.59
C TYR E 127 10.31 0.68 39.33
N LEU E 128 11.45 0.24 38.80
CA LEU E 128 12.25 -0.78 39.47
C LEU E 128 13.10 -0.12 40.56
N ARG E 129 13.63 1.06 40.23
CA ARG E 129 14.42 1.86 41.17
C ARG E 129 13.89 3.29 41.20
N GLN E 130 13.96 3.92 42.37
CA GLN E 130 13.57 5.33 42.54
C GLN E 130 14.39 6.26 41.65
N GLU E 131 15.63 5.85 41.36
CA GLU E 131 16.55 6.59 40.50
C GLU E 131 16.01 6.83 39.07
N GLN E 132 15.24 5.87 38.56
CA GLN E 132 14.66 5.95 37.22
C GLN E 132 13.61 7.05 37.11
N GLU E 133 12.82 7.22 38.16
CA GLU E 133 11.80 8.26 38.22
C GLU E 133 12.45 9.65 38.22
N GLU E 134 13.50 9.81 39.04
CA GLU E 134 14.25 11.06 39.11
C GLU E 134 14.83 11.45 37.74
N GLU E 135 15.44 10.49 37.06
CA GLU E 135 16.03 10.73 35.73
C GLU E 135 14.97 11.11 34.70
N GLY E 136 13.84 10.40 34.73
CA GLY E 136 12.70 10.70 33.86
C GLY E 136 12.16 12.10 34.08
N ARG E 137 12.05 12.49 35.36
CA ARG E 137 11.57 13.82 35.74
C ARG E 137 12.43 14.91 35.11
N LYS E 138 13.75 14.71 35.14
CA LYS E 138 14.71 15.64 34.56
C LYS E 138 14.53 15.78 33.04
N ARG E 139 14.30 14.65 32.38
CA ARG E 139 14.04 14.62 30.94
C ARG E 139 12.71 15.30 30.61
N TYR E 140 11.72 15.07 31.47
CA TYR E 140 10.42 15.74 31.39
C TYR E 140 10.60 17.26 31.44
N GLU E 141 11.37 17.74 32.43
CA GLU E 141 11.62 19.17 32.58
C GLU E 141 12.45 19.74 31.42
N ALA E 142 13.36 18.92 30.88
CA ALA E 142 14.20 19.31 29.74
C ALA E 142 13.38 19.56 28.47
N GLN E 143 12.44 18.66 28.17
CA GLN E 143 11.56 18.85 27.00
C GLN E 143 10.61 20.05 27.21
N LYS E 144 10.15 20.26 28.46
CA LYS E 144 9.36 21.44 28.79
C LYS E 144 10.12 22.73 28.43
N LEU E 145 11.41 22.77 28.78
CA LEU E 145 12.25 23.95 28.53
C LEU E 145 12.48 24.21 27.04
N GLU E 146 12.81 23.15 26.31
CA GLU E 146 13.02 23.25 24.87
C GLU E 146 11.76 23.76 24.17
N ARG E 147 10.59 23.32 24.65
CA ARG E 147 9.30 23.74 24.10
C ARG E 147 8.95 25.19 24.41
N MET E 148 9.26 25.66 25.62
CA MET E 148 9.06 27.08 25.95
C MET E 148 10.16 27.97 25.35
N GLU E 149 11.18 27.32 24.78
CA GLU E 149 12.31 27.96 24.11
C GLU E 149 13.15 28.80 25.08
N ALA F 2 4.07 20.24 -1.11
CA ALA F 2 3.66 18.84 -1.39
C ALA F 2 2.38 18.51 -0.63
N MET F 3 1.32 18.18 -1.39
CA MET F 3 -0.02 17.90 -0.84
C MET F 3 -0.44 16.46 -1.03
N ARG F 4 -1.14 15.91 -0.05
CA ARG F 4 -1.96 14.74 -0.31
C ARG F 4 -3.14 14.61 0.65
N ILE F 5 -4.20 13.98 0.16
CA ILE F 5 -5.38 13.77 1.00
C ILE F 5 -5.15 12.59 1.96
N MET F 6 -5.62 12.78 3.19
CA MET F 6 -5.50 11.76 4.22
C MET F 6 -6.60 10.72 4.05
N ARG F 7 -6.18 9.45 4.06
CA ARG F 7 -7.06 8.31 3.80
C ARG F 7 -7.24 7.50 5.09
N PRO F 8 -8.29 6.65 5.14
CA PRO F 8 -8.55 5.81 6.31
C PRO F 8 -7.32 5.11 6.87
N ASP F 9 -6.46 4.57 6.00
CA ASP F 9 -5.29 3.82 6.46
C ASP F 9 -4.18 4.68 7.06
N ASP F 10 -4.28 6.00 6.84
CA ASP F 10 -3.39 6.98 7.48
C ASP F 10 -3.79 7.31 8.93
N ALA F 11 -4.94 6.81 9.39
CA ALA F 11 -5.54 7.27 10.66
C ALA F 11 -5.98 6.15 11.62
N ASN F 12 -6.13 6.53 12.89
CA ASN F 12 -6.64 5.64 13.93
C ASN F 12 -8.15 5.40 13.83
N VAL F 13 -8.69 4.63 14.77
CA VAL F 13 -10.14 4.35 14.81
C VAL F 13 -11.00 5.60 15.04
N ALA F 14 -10.42 6.63 15.64
CA ALA F 14 -11.11 7.91 15.84
C ALA F 14 -11.14 8.79 14.57
N GLY F 15 -10.33 8.42 13.57
CA GLY F 15 -10.24 9.16 12.32
C GLY F 15 -9.11 10.16 12.30
N ASN F 16 -8.25 10.10 13.31
CA ASN F 16 -7.10 11.00 13.40
C ASN F 16 -5.80 10.37 12.89
N VAL F 17 -5.10 11.14 12.06
CA VAL F 17 -3.89 10.69 11.40
C VAL F 17 -2.80 10.33 12.41
N HIS F 18 -2.15 9.19 12.19
CA HIS F 18 -1.05 8.72 13.07
C HIS F 18 0.16 9.59 12.88
N GLY F 19 0.90 9.82 13.97
CA GLY F 19 2.19 10.50 13.91
C GLY F 19 3.10 9.88 12.86
N GLY F 20 3.10 8.55 12.78
CA GLY F 20 3.97 7.83 11.84
C GLY F 20 3.76 8.19 10.39
N THR F 21 2.49 8.41 10.02
CA THR F 21 2.12 8.78 8.66
C THR F 21 2.75 10.14 8.30
N ILE F 22 2.64 11.09 9.22
CA ILE F 22 3.23 12.40 9.05
C ILE F 22 4.76 12.34 9.02
N LEU F 23 5.35 11.56 9.92
CA LEU F 23 6.82 11.41 9.96
C LEU F 23 7.33 10.90 8.61
N LYS F 24 6.63 9.94 8.03
CA LYS F 24 7.01 9.39 6.73
C LYS F 24 6.97 10.47 5.62
N MET F 25 5.93 11.29 5.64
CA MET F 25 5.76 12.34 4.64
C MET F 25 6.82 13.43 4.78
N ILE F 26 7.09 13.82 6.03
CA ILE F 26 8.14 14.81 6.35
C ILE F 26 9.49 14.31 5.85
N GLU F 27 9.81 13.04 6.13
CA GLU F 27 11.10 12.50 5.73
C GLU F 27 11.24 12.45 4.21
N GLU F 28 10.15 12.09 3.53
CA GLU F 28 10.13 12.07 2.06
C GLU F 28 10.48 13.45 1.48
N ALA F 29 9.89 14.50 2.06
CA ALA F 29 10.14 15.88 1.65
C ALA F 29 11.59 16.28 1.96
N GLY F 30 12.07 15.91 3.15
CA GLY F 30 13.47 16.14 3.56
C GLY F 30 14.46 15.45 2.64
N ALA F 31 14.14 14.22 2.25
CA ALA F 31 15.02 13.42 1.36
C ALA F 31 15.14 14.04 -0.03
N ILE F 32 14.02 14.47 -0.58
CA ILE F 32 14.01 15.11 -1.90
C ILE F 32 14.87 16.39 -1.89
N ILE F 33 14.60 17.28 -0.94
CA ILE F 33 15.21 18.61 -0.95
C ILE F 33 16.72 18.53 -0.67
N SER F 34 17.10 17.61 0.22
CA SER F 34 18.49 17.44 0.62
C SER F 34 19.32 16.79 -0.49
N THR F 35 18.80 15.71 -1.07
CA THR F 35 19.45 15.02 -2.19
C THR F 35 19.60 15.96 -3.39
N ARG F 36 18.54 16.67 -3.77
CA ARG F 36 18.65 17.66 -4.84
C ARG F 36 19.76 18.67 -4.53
N HIS F 37 19.79 19.20 -3.30
CA HIS F 37 20.78 20.21 -2.95
C HIS F 37 22.21 19.67 -3.04
N CYS F 38 22.41 18.46 -2.54
CA CYS F 38 23.76 17.88 -2.47
C CYS F 38 24.30 17.50 -3.85
N ASN F 39 23.40 17.39 -4.84
CA ASN F 39 23.82 17.20 -6.23
C ASN F 39 23.76 18.49 -7.07
N SER F 40 23.39 19.59 -6.44
CA SER F 40 23.12 20.86 -7.14
C SER F 40 24.33 21.49 -7.84
N GLN F 41 25.53 21.23 -7.31
CA GLN F 41 26.77 21.73 -7.91
C GLN F 41 27.48 20.66 -8.74
N ASN F 42 26.68 19.68 -9.18
CA ASN F 42 27.16 18.55 -9.98
C ASN F 42 28.47 17.92 -9.48
N GLY F 43 28.54 17.72 -8.17
CA GLY F 43 29.64 16.99 -7.56
C GLY F 43 29.46 15.49 -7.75
N GLU F 44 30.17 14.71 -6.96
CA GLU F 44 30.01 13.26 -6.95
C GLU F 44 28.54 12.92 -6.68
N ARG F 45 27.97 12.06 -7.52
CA ARG F 45 26.55 11.68 -7.40
C ARG F 45 26.26 11.04 -6.05
N CYS F 46 25.25 11.56 -5.37
CA CYS F 46 24.95 11.12 -4.02
C CYS F 46 23.44 11.13 -3.72
N VAL F 47 23.08 10.46 -2.65
CA VAL F 47 21.74 10.51 -2.07
C VAL F 47 21.93 10.87 -0.60
N ALA F 48 21.09 11.76 -0.08
CA ALA F 48 21.20 12.18 1.31
C ALA F 48 20.47 11.21 2.22
N ALA F 49 21.18 10.69 3.22
CA ALA F 49 20.61 9.77 4.19
C ALA F 49 20.21 10.54 5.45
N LEU F 50 19.06 10.18 6.01
CA LEU F 50 18.61 10.79 7.26
C LEU F 50 19.48 10.35 8.43
N ALA F 51 20.02 11.34 9.14
CA ALA F 51 20.90 11.12 10.29
C ALA F 51 20.22 11.41 11.63
N ARG F 52 19.38 12.44 11.66
CA ARG F 52 18.74 12.85 12.91
C ARG F 52 17.37 13.48 12.68
N VAL F 53 16.45 13.20 13.59
CA VAL F 53 15.20 13.95 13.74
C VAL F 53 15.20 14.55 15.14
N GLU F 54 15.06 15.87 15.24
CA GLU F 54 15.11 16.45 16.57
C GLU F 54 14.01 17.44 16.91
N ARG F 55 13.60 17.41 18.18
CA ARG F 55 12.73 18.44 18.73
C ARG F 55 11.56 18.72 17.80
N THR F 56 10.84 17.68 17.41
CA THR F 56 9.69 17.85 16.53
C THR F 56 8.43 17.62 17.35
N ASP F 57 7.52 18.58 17.24
CA ASP F 57 6.31 18.60 18.04
C ASP F 57 5.08 18.49 17.16
N PHE F 58 4.09 17.75 17.63
CA PHE F 58 2.81 17.64 16.95
C PHE F 58 1.78 18.44 17.72
N LEU F 59 1.25 19.47 17.05
CA LEU F 59 0.53 20.56 17.72
C LEU F 59 -0.98 20.40 17.70
N SER F 60 -1.50 19.75 16.66
CA SER F 60 -2.95 19.66 16.46
C SER F 60 -3.24 18.44 15.61
N PRO F 61 -4.44 17.84 15.79
CA PRO F 61 -4.74 16.62 15.04
C PRO F 61 -5.07 16.91 13.58
N MET F 62 -4.90 15.90 12.74
CA MET F 62 -5.31 15.93 11.33
C MET F 62 -6.29 14.78 11.12
N CYS F 63 -7.30 14.98 10.28
CA CYS F 63 -8.37 13.99 10.13
C CYS F 63 -8.43 13.38 8.73
N ILE F 64 -9.03 12.19 8.61
CA ILE F 64 -9.26 11.60 7.29
C ILE F 64 -10.01 12.60 6.41
N GLY F 65 -9.55 12.73 5.16
CA GLY F 65 -10.23 13.58 4.18
C GLY F 65 -9.69 15.00 4.17
N GLU F 66 -8.90 15.34 5.18
CA GLU F 66 -8.18 16.61 5.21
C GLU F 66 -6.93 16.47 4.33
N VAL F 67 -6.42 17.60 3.85
CA VAL F 67 -5.26 17.60 2.96
C VAL F 67 -4.03 18.02 3.75
N ALA F 68 -3.01 17.17 3.74
CA ALA F 68 -1.73 17.50 4.35
C ALA F 68 -0.87 18.31 3.39
N HIS F 69 -0.39 19.45 3.86
CA HIS F 69 0.54 20.30 3.10
C HIS F 69 1.90 20.22 3.79
N VAL F 70 2.89 19.70 3.06
CA VAL F 70 4.23 19.49 3.60
C VAL F 70 5.17 20.43 2.87
N SER F 71 5.82 21.31 3.62
CA SER F 71 6.78 22.24 3.05
C SER F 71 8.15 22.08 3.71
N ALA F 72 9.18 21.97 2.88
CA ALA F 72 10.55 21.77 3.38
C ALA F 72 11.45 22.95 3.02
N GLU F 73 12.36 23.27 3.94
CA GLU F 73 13.37 24.30 3.71
C GLU F 73 14.69 23.88 4.33
N ILE F 74 15.77 23.98 3.56
CA ILE F 74 17.12 23.83 4.10
C ILE F 74 17.49 25.11 4.87
N THR F 75 17.73 24.95 6.16
CA THR F 75 17.91 26.10 7.06
C THR F 75 19.34 26.25 7.55
N TYR F 76 20.13 25.20 7.39
CA TYR F 76 21.56 25.26 7.69
C TYR F 76 22.30 24.17 6.94
N THR F 77 23.54 24.46 6.58
CA THR F 77 24.45 23.45 6.06
C THR F 77 25.80 23.58 6.75
N SER F 78 26.29 22.46 7.27
CA SER F 78 27.67 22.37 7.78
C SER F 78 28.55 21.86 6.64
N LYS F 79 29.77 21.43 6.97
CA LYS F 79 30.67 20.92 5.94
C LYS F 79 30.14 19.63 5.29
N HIS F 80 29.55 18.75 6.10
CA HIS F 80 29.06 17.46 5.62
C HIS F 80 27.61 17.13 5.98
N SER F 81 26.86 18.11 6.50
CA SER F 81 25.46 17.86 6.85
C SER F 81 24.47 18.98 6.44
N VAL F 82 23.20 18.60 6.32
CA VAL F 82 22.12 19.48 5.90
C VAL F 82 21.03 19.49 6.97
N GLU F 83 20.67 20.69 7.44
CA GLU F 83 19.53 20.84 8.34
C GLU F 83 18.32 21.23 7.52
N VAL F 84 17.25 20.45 7.64
CA VAL F 84 15.97 20.73 6.97
C VAL F 84 14.91 20.97 8.02
N GLN F 85 14.20 22.09 7.89
CA GLN F 85 13.00 22.32 8.70
C GLN F 85 11.78 22.02 7.84
N VAL F 86 10.85 21.27 8.41
CA VAL F 86 9.63 20.91 7.72
C VAL F 86 8.42 21.36 8.53
N HIS F 87 7.48 22.00 7.84
CA HIS F 87 6.21 22.35 8.44
C HIS F 87 5.11 21.53 7.76
N VAL F 88 4.20 21.01 8.57
CA VAL F 88 3.02 20.33 8.06
C VAL F 88 1.79 21.11 8.46
N MET F 89 0.98 21.46 7.46
CA MET F 89 -0.27 22.14 7.68
C MET F 89 -1.42 21.24 7.25
N SER F 90 -2.46 21.16 8.06
CA SER F 90 -3.68 20.45 7.66
C SER F 90 -4.69 21.43 7.07
N GLU F 91 -5.36 21.00 6.01
CA GLU F 91 -6.39 21.82 5.39
C GLU F 91 -7.67 21.01 5.23
N ASN F 92 -8.75 21.52 5.78
CA ASN F 92 -10.08 20.97 5.56
C ASN F 92 -10.65 21.65 4.32
N ILE F 93 -10.82 20.88 3.25
CA ILE F 93 -11.24 21.45 1.98
C ILE F 93 -12.77 21.60 1.88
N LEU F 94 -13.48 21.08 2.88
CA LEU F 94 -14.91 21.33 3.01
C LEU F 94 -15.19 22.63 3.75
N THR F 95 -14.44 22.88 4.82
CA THR F 95 -14.67 24.07 5.67
C THR F 95 -13.72 25.23 5.36
N GLY F 96 -12.57 24.92 4.78
CA GLY F 96 -11.53 25.90 4.50
C GLY F 96 -10.51 26.07 5.61
N THR F 97 -10.75 25.43 6.76
CA THR F 97 -9.92 25.59 7.95
C THR F 97 -8.50 25.02 7.75
N LYS F 98 -7.50 25.80 8.14
CA LYS F 98 -6.12 25.34 8.11
C LYS F 98 -5.48 25.46 9.49
N LYS F 99 -4.65 24.48 9.82
CA LYS F 99 -3.98 24.42 11.12
C LYS F 99 -2.54 23.97 10.95
N LEU F 100 -1.63 24.53 11.74
CA LEU F 100 -0.26 24.01 11.81
C LEU F 100 -0.26 22.70 12.61
N THR F 101 0.09 21.60 11.93
CA THR F 101 0.07 20.26 12.51
C THR F 101 1.40 19.94 13.20
N ASN F 102 2.49 20.28 12.53
CA ASN F 102 3.81 19.80 12.90
C ASN F 102 4.90 20.77 12.48
N LYS F 103 5.91 20.87 13.32
CA LYS F 103 7.17 21.51 12.96
C LYS F 103 8.24 20.48 13.28
N ALA F 104 9.10 20.20 12.29
CA ALA F 104 10.12 19.18 12.43
C ALA F 104 11.48 19.70 11.98
N THR F 105 12.53 19.15 12.59
CA THR F 105 13.89 19.39 12.14
C THR F 105 14.58 18.08 11.83
N LEU F 106 15.21 18.03 10.65
CA LEU F 106 15.85 16.82 10.17
C LEU F 106 17.25 17.14 9.73
N TRP F 107 18.18 16.26 10.05
CA TRP F 107 19.55 16.37 9.56
C TRP F 107 19.86 15.25 8.58
N TYR F 108 20.40 15.64 7.43
CA TYR F 108 20.77 14.70 6.38
C TYR F 108 22.26 14.78 6.10
N VAL F 109 22.81 13.67 5.59
CA VAL F 109 24.22 13.59 5.25
C VAL F 109 24.33 12.97 3.85
N PRO F 110 25.01 13.64 2.91
CA PRO F 110 25.16 13.11 1.56
C PRO F 110 26.17 11.97 1.52
N LEU F 111 25.72 10.85 0.98
CA LEU F 111 26.56 9.68 0.85
C LEU F 111 26.71 9.38 -0.62
N SER F 112 27.95 9.26 -1.05
CA SER F 112 28.28 8.92 -2.44
C SER F 112 27.58 7.64 -2.86
N LEU F 113 27.12 7.61 -4.12
CA LEU F 113 26.52 6.41 -4.68
C LEU F 113 27.57 5.38 -5.09
N LYS F 114 28.78 5.85 -5.40
CA LYS F 114 29.90 4.97 -5.74
C LYS F 114 30.52 4.33 -4.49
N ASN F 115 30.68 5.14 -3.45
CA ASN F 115 31.22 4.68 -2.17
C ASN F 115 30.24 5.03 -1.05
N VAL F 116 29.43 4.05 -0.65
CA VAL F 116 28.31 4.27 0.28
C VAL F 116 28.74 4.74 1.67
N ASP F 117 30.01 4.58 1.98
CA ASP F 117 30.55 5.04 3.27
C ASP F 117 31.21 6.41 3.16
N LYS F 118 31.22 6.96 1.94
CA LYS F 118 31.88 8.23 1.71
C LYS F 118 30.93 9.41 1.92
N VAL F 119 31.13 10.11 3.02
CA VAL F 119 30.39 11.34 3.33
C VAL F 119 30.92 12.47 2.47
N LEU F 120 30.03 13.07 1.68
CA LEU F 120 30.42 14.14 0.77
C LEU F 120 30.29 15.51 1.42
N GLU F 121 30.91 16.50 0.79
CA GLU F 121 30.82 17.89 1.23
C GLU F 121 29.51 18.48 0.73
N VAL F 122 28.86 19.24 1.61
CA VAL F 122 27.60 19.89 1.26
C VAL F 122 27.87 21.27 0.67
N PRO F 123 27.35 21.55 -0.54
CA PRO F 123 27.46 22.91 -1.08
C PRO F 123 26.87 23.93 -0.10
N PRO F 124 27.44 25.13 -0.02
CA PRO F 124 26.86 26.12 0.89
C PRO F 124 25.51 26.61 0.37
N ILE F 125 24.66 27.11 1.27
CA ILE F 125 23.43 27.78 0.87
C ILE F 125 23.53 29.29 1.08
N VAL F 126 22.71 30.04 0.36
CA VAL F 126 22.60 31.49 0.56
C VAL F 126 21.50 31.79 1.57
N TYR F 127 21.84 32.58 2.59
CA TYR F 127 20.90 32.91 3.67
C TYR F 127 20.18 34.23 3.43
N LEU F 128 18.84 34.18 3.53
CA LEU F 128 17.99 35.35 3.31
C LEU F 128 18.21 36.45 4.37
N ARG F 129 18.51 36.03 5.59
CA ARG F 129 18.94 36.93 6.66
C ARG F 129 20.16 36.34 7.36
N GLN F 130 21.16 37.17 7.61
CA GLN F 130 22.43 36.73 8.21
C GLN F 130 22.22 35.99 9.53
N GLU F 131 21.28 36.50 10.35
CA GLU F 131 20.96 35.93 11.67
C GLU F 131 20.59 34.44 11.64
N GLN F 132 20.03 34.00 10.52
CA GLN F 132 19.63 32.61 10.32
C GLN F 132 20.83 31.67 10.32
N GLU F 133 21.93 32.12 9.75
CA GLU F 133 23.16 31.33 9.72
C GLU F 133 23.74 31.13 11.12
N GLU F 134 23.78 32.21 11.89
CA GLU F 134 24.28 32.19 13.26
C GLU F 134 23.42 31.29 14.16
N GLU F 135 22.10 31.45 14.06
CA GLU F 135 21.15 30.60 14.79
C GLU F 135 21.33 29.13 14.41
N GLY F 136 21.49 28.89 13.10
CA GLY F 136 21.73 27.56 12.57
C GLY F 136 23.02 26.95 13.10
N ARG F 137 24.07 27.75 13.16
CA ARG F 137 25.36 27.28 13.67
C ARG F 137 25.26 26.87 15.15
N LYS F 138 24.59 27.70 15.95
CA LYS F 138 24.35 27.39 17.36
C LYS F 138 23.65 26.04 17.56
N ARG F 139 22.61 25.80 16.75
CA ARG F 139 21.90 24.51 16.76
C ARG F 139 22.82 23.37 16.34
N TYR F 140 23.59 23.61 15.28
CA TYR F 140 24.56 22.64 14.76
C TYR F 140 25.63 22.28 15.79
N GLU F 141 26.21 23.29 16.44
CA GLU F 141 27.24 23.09 17.46
C GLU F 141 26.71 22.31 18.65
N ALA F 142 25.50 22.66 19.10
CA ALA F 142 24.85 22.06 20.26
C ALA F 142 24.56 20.57 20.07
N GLN F 143 24.18 20.19 18.86
CA GLN F 143 23.88 18.81 18.55
C GLN F 143 25.16 17.99 18.29
N LYS F 144 26.17 18.65 17.72
CA LYS F 144 27.46 18.02 17.46
C LYS F 144 28.22 17.78 18.77
N LEU F 145 28.05 18.68 19.73
CA LEU F 145 28.60 18.53 21.07
C LEU F 145 27.80 17.53 21.92
N GLU F 146 26.49 17.46 21.67
CA GLU F 146 25.64 16.44 22.31
C GLU F 146 26.09 15.03 21.90
N ARG F 147 26.67 14.93 20.70
CA ARG F 147 27.26 13.68 20.20
C ARG F 147 28.72 13.53 20.64
N MET F 148 29.12 14.28 21.67
CA MET F 148 30.45 14.21 22.27
C MET F 148 30.34 14.05 23.78
N GLU F 149 29.49 14.88 24.39
CA GLU F 149 29.29 14.88 25.84
C GLU F 149 28.01 14.14 26.21
#